data_8EWZ
#
_entry.id   8EWZ
#
_cell.length_a   75.840
_cell.length_b   108.780
_cell.length_c   117.480
_cell.angle_alpha   90.000
_cell.angle_beta   90.000
_cell.angle_gamma   90.000
#
_symmetry.space_group_name_H-M   'P 21 21 21'
#
loop_
_entity.id
_entity.type
_entity.pdbx_description
1 polymer 'M1 family aminopeptidase'
2 non-polymer "(2R)-2-(cyclopentylcarbamamido)-N-hydroxy-2-(3',4',5'-trifluoro[1,1'-biphenyl]-4-yl)acetamide"
3 non-polymer 'DIMETHYL SULFOXIDE'
4 non-polymer GLYCEROL
5 non-polymer 'ZINC ION'
6 non-polymer 'MAGNESIUM ION'
7 water water
#
_entity_poly.entity_id   1
_entity_poly.type   'polypeptide(L)'
_entity_poly.pdbx_seq_one_letter_code
;MEPKIHYRKDYKPSGFIINQVTLNINIHDQETIVRSVLDMDISKHNVGEDLVFDGVGLKINEISINNKKLVEGEEYTYDN
EFLTIFSKFVPKSKFAFSSEVIIHPETNYALTGLYKSKNIIVSQCEATGFRRITFFIDRPDMMAKYDVTVTADKEKYPVL
LSNGDKVNEFEIPGGRHGARFNDPPLKPCYLFAVVAGDLKHLSATYITKYTKKKVELYVFSEEKYVSKLQWALECLKKSM
AFDEDYFGLEYDLSRLNLVAVSDFNVGAMENKGLNIFNANSLLASKKNSIDFSYARILTVVGHEYFHQYTGNRVTLRDWF
QLTLKEGLTVHRENLFSEEMTKTVTTRLSHVDLLRSVQFLEDSSPLSHPIRPESYVSMENFYTTTVYDKGSEVMRMYLTI
LGEEYYKKGFDIYIKKNDGNTATCEDFNYAMEQAYKMKKADNSANLNQYLLWFSQSGTPHVSFKYNYDAEKKQYSIHVNQ
YTKPDENQKEKKPLFIPISVGLINPENGKEMISQTTLELTKESDTFVFNNIAVKPIPSLFRGFSAPVYIEDQLTDEERIL
LLKYDSDAFVRYNSCTNIYMKQILMNYNEFLKAKNEKLESFQLTPVNAQFIDAIKYLLEDPHADAGFKSYIVSLPQDRYI
INFVSNLDTDVLADTKEYIYKQIGDKLNDVYYKMFKSLEAKADDLTYFNDESHVDFDQMNMRTLRNTLLSLLSKAQYPNI
LNEIIEHSKSPYPSNWLTSLSVSAYFDKYFELYDKTYKLSKDDELLLQEWLKTVSRSDRKDIYEILKKLENEVLKDSKNP
NDIRAVYLPFTNNLRRFHDISGKGYKLIAEVITKTDKFNPMVATQLCEPFKLWNKLDTKRQELMLNEMNTMLQEPQISNN
LKEYLLRLTNKLHHHHHH
;
_entity_poly.pdbx_strand_id   A
#
loop_
_chem_comp.id
_chem_comp.type
_chem_comp.name
_chem_comp.formula
DMS non-polymer 'DIMETHYL SULFOXIDE' 'C2 H6 O S'
GOL non-polymer GLYCEROL 'C3 H8 O3'
MG non-polymer 'MAGNESIUM ION' 'Mg 2'
X0I non-polymer (2R)-2-(cyclopentylcarbamamido)-N-hydroxy-2-(3',4',5'-trifluoro[1,1'-biphenyl]-4-yl)acetamide 'C20 H20 F3 N3 O3'
ZN non-polymer 'ZINC ION' 'Zn 2'
#
# COMPACT_ATOMS: atom_id res chain seq x y z
N PRO A 3 -18.15 -23.30 -2.63
CA PRO A 3 -17.26 -22.14 -2.41
C PRO A 3 -17.07 -21.87 -0.92
N LYS A 4 -15.93 -22.29 -0.37
CA LYS A 4 -15.78 -22.36 1.08
C LYS A 4 -15.61 -20.97 1.68
N ILE A 5 -16.44 -20.66 2.69
CA ILE A 5 -16.34 -19.41 3.43
C ILE A 5 -15.70 -19.72 4.78
N HIS A 6 -14.63 -19.01 5.11
CA HIS A 6 -13.99 -19.16 6.40
C HIS A 6 -14.50 -18.07 7.33
N TYR A 7 -14.85 -18.43 8.56
CA TYR A 7 -15.45 -17.51 9.53
C TYR A 7 -14.49 -17.32 10.69
N ARG A 8 -14.29 -16.05 11.07
CA ARG A 8 -13.36 -15.74 12.14
C ARG A 8 -13.76 -16.44 13.44
N LYS A 9 -15.06 -16.50 13.73
CA LYS A 9 -15.50 -17.12 14.97
C LYS A 9 -15.26 -18.62 15.00
N ASP A 10 -14.96 -19.25 13.86
CA ASP A 10 -14.82 -20.69 13.78
C ASP A 10 -13.40 -21.18 14.08
N TYR A 11 -12.50 -20.29 14.50
CA TYR A 11 -11.11 -20.71 14.72
C TYR A 11 -11.04 -21.81 15.75
N LYS A 12 -10.29 -22.88 15.42
CA LYS A 12 -10.04 -23.94 16.37
C LYS A 12 -8.66 -24.50 16.08
N PRO A 13 -7.88 -24.81 17.12
CA PRO A 13 -6.55 -25.39 16.88
C PRO A 13 -6.63 -26.75 16.20
N SER A 14 -5.60 -27.05 15.40
CA SER A 14 -5.55 -28.30 14.65
C SER A 14 -5.44 -29.51 15.59
N GLY A 15 -5.97 -30.64 15.12
CA GLY A 15 -5.75 -31.90 15.79
C GLY A 15 -4.38 -32.51 15.59
N PHE A 16 -3.50 -31.80 14.88
CA PHE A 16 -2.18 -32.31 14.57
C PHE A 16 -1.13 -31.24 14.88
N ILE A 17 0.11 -31.69 14.94
CA ILE A 17 1.27 -30.84 15.14
C ILE A 17 2.31 -31.22 14.10
N ILE A 18 2.99 -30.23 13.51
CA ILE A 18 4.14 -30.45 12.65
C ILE A 18 5.34 -29.84 13.36
N ASN A 19 6.27 -30.69 13.79
CA ASN A 19 7.41 -30.21 14.56
C ASN A 19 8.63 -29.91 13.68
N GLN A 20 8.83 -30.69 12.63
CA GLN A 20 10.04 -30.55 11.81
C GLN A 20 9.68 -30.76 10.34
N VAL A 21 10.20 -29.87 9.48
CA VAL A 21 10.07 -29.97 8.03
C VAL A 21 11.47 -30.20 7.48
N THR A 22 11.65 -31.27 6.72
CA THR A 22 12.92 -31.53 6.04
C THR A 22 12.64 -31.62 4.55
N LEU A 23 13.12 -30.63 3.80
CA LEU A 23 12.82 -30.48 2.37
C LEU A 23 14.05 -30.75 1.52
N ASN A 24 13.84 -31.40 0.39
CA ASN A 24 14.81 -31.47 -0.69
C ASN A 24 14.11 -30.95 -1.95
N ILE A 25 14.58 -29.81 -2.44
CA ILE A 25 14.00 -29.15 -3.61
C ILE A 25 15.01 -29.30 -4.74
N ASN A 26 14.70 -30.11 -5.73
CA ASN A 26 15.63 -30.44 -6.80
C ASN A 26 15.11 -29.82 -8.09
N ILE A 27 15.75 -28.72 -8.51
CA ILE A 27 15.31 -27.95 -9.67
C ILE A 27 15.91 -28.55 -10.93
N HIS A 28 15.06 -28.92 -11.88
CA HIS A 28 15.53 -29.42 -13.16
C HIS A 28 14.97 -28.56 -14.28
N ASP A 29 15.40 -28.85 -15.51
CA ASP A 29 15.07 -27.97 -16.63
C ASP A 29 13.56 -27.91 -16.88
N GLN A 30 12.88 -29.04 -16.77
CA GLN A 30 11.48 -29.13 -17.17
C GLN A 30 10.54 -29.33 -15.99
N GLU A 31 11.05 -29.41 -14.77
CA GLU A 31 10.23 -29.73 -13.61
C GLU A 31 11.10 -29.54 -12.37
N THR A 32 10.43 -29.48 -11.23
CA THR A 32 11.10 -29.43 -9.94
C THR A 32 10.50 -30.51 -9.05
N ILE A 33 11.37 -31.33 -8.47
CA ILE A 33 10.99 -32.42 -7.61
C ILE A 33 11.16 -31.97 -6.17
N VAL A 34 10.12 -32.11 -5.37
CA VAL A 34 10.15 -31.69 -3.97
C VAL A 34 9.91 -32.92 -3.11
N ARG A 35 10.91 -33.29 -2.33
CA ARG A 35 10.80 -34.34 -1.33
C ARG A 35 10.70 -33.68 0.05
N SER A 36 9.77 -34.17 0.86
CA SER A 36 9.49 -33.55 2.15
C SER A 36 9.19 -34.63 3.18
N VAL A 37 9.85 -34.53 4.33
CA VAL A 37 9.53 -35.36 5.49
C VAL A 37 9.04 -34.43 6.58
N LEU A 38 7.85 -34.70 7.09
CA LEU A 38 7.26 -33.94 8.19
C LEU A 38 7.25 -34.81 9.43
N ASP A 39 7.91 -34.35 10.49
CA ASP A 39 7.88 -35.06 11.75
C ASP A 39 6.69 -34.50 12.52
N MET A 40 5.69 -35.34 12.75
CA MET A 40 4.40 -34.88 13.21
C MET A 40 4.01 -35.54 14.51
N ASP A 41 2.93 -35.01 15.10
CA ASP A 41 2.41 -35.53 16.36
C ASP A 41 0.91 -35.27 16.40
N ILE A 42 0.27 -35.91 17.37
CA ILE A 42 -1.16 -35.76 17.64
C ILE A 42 -1.35 -34.70 18.71
N SER A 43 -2.18 -33.69 18.45
CA SER A 43 -2.40 -32.62 19.41
C SER A 43 -3.47 -33.00 20.42
N LYS A 44 -3.55 -32.21 21.50
CA LYS A 44 -4.56 -32.47 22.52
C LYS A 44 -5.97 -32.22 22.01
N HIS A 45 -6.12 -31.57 20.87
CA HIS A 45 -7.42 -31.30 20.28
C HIS A 45 -7.86 -32.38 19.30
N ASN A 46 -7.02 -33.38 19.06
CA ASN A 46 -7.35 -34.42 18.10
C ASN A 46 -8.54 -35.25 18.57
N VAL A 47 -9.45 -35.56 17.64
CA VAL A 47 -10.60 -36.41 17.94
C VAL A 47 -10.67 -37.56 16.96
N GLY A 48 -9.52 -38.04 16.51
CA GLY A 48 -9.47 -39.17 15.61
C GLY A 48 -9.88 -38.87 14.18
N GLU A 49 -9.71 -37.62 13.74
CA GLU A 49 -10.14 -37.24 12.41
C GLU A 49 -9.15 -37.74 11.36
N ASP A 50 -9.60 -37.72 10.11
CA ASP A 50 -8.70 -37.92 8.98
C ASP A 50 -7.58 -36.88 9.04
N LEU A 51 -6.42 -37.27 8.54
CA LEU A 51 -5.29 -36.34 8.36
C LEU A 51 -5.45 -35.71 6.98
N VAL A 52 -5.75 -34.41 6.96
CA VAL A 52 -5.98 -33.69 5.71
C VAL A 52 -4.91 -32.63 5.54
N PHE A 53 -4.14 -32.74 4.47
CA PHE A 53 -3.15 -31.76 4.08
C PHE A 53 -3.69 -30.88 2.97
N ASP A 54 -3.33 -29.60 3.01
CA ASP A 54 -3.43 -28.77 1.82
C ASP A 54 -2.35 -29.16 0.83
N GLY A 55 -2.72 -29.17 -0.44
CA GLY A 55 -1.77 -29.43 -1.51
C GLY A 55 -2.43 -29.13 -2.83
N VAL A 56 -1.98 -28.10 -3.53
CA VAL A 56 -2.69 -27.54 -4.68
C VAL A 56 -1.82 -27.70 -5.91
N GLY A 57 -2.32 -28.44 -6.90
CA GLY A 57 -1.61 -28.60 -8.14
C GLY A 57 -0.36 -29.46 -8.06
N LEU A 58 -0.29 -30.36 -7.09
CA LEU A 58 0.89 -31.20 -6.92
C LEU A 58 0.71 -32.51 -7.67
N LYS A 59 1.77 -32.96 -8.34
CA LYS A 59 1.82 -34.29 -8.96
C LYS A 59 2.48 -35.25 -7.99
N ILE A 60 1.74 -36.24 -7.49
CA ILE A 60 2.27 -37.16 -6.49
C ILE A 60 3.14 -38.23 -7.16
N ASN A 61 4.39 -38.33 -6.71
CA ASN A 61 5.21 -39.52 -7.00
C ASN A 61 5.01 -40.59 -5.94
N GLU A 62 5.12 -40.22 -4.66
CA GLU A 62 4.82 -41.17 -3.62
C GLU A 62 4.51 -40.44 -2.33
N ILE A 63 3.74 -41.09 -1.47
CA ILE A 63 3.55 -40.61 -0.11
C ILE A 63 3.69 -41.80 0.82
N SER A 64 4.17 -41.52 2.03
CA SER A 64 4.44 -42.58 3.00
C SER A 64 4.15 -42.05 4.39
N ILE A 65 3.88 -42.98 5.29
CA ILE A 65 3.81 -42.70 6.73
C ILE A 65 4.76 -43.69 7.40
N ASN A 66 5.72 -43.18 8.17
CA ASN A 66 6.73 -44.00 8.82
C ASN A 66 7.43 -44.92 7.81
N ASN A 67 7.76 -44.35 6.64
CA ASN A 67 8.50 -45.03 5.58
C ASN A 67 7.75 -46.22 5.02
N LYS A 68 6.43 -46.24 5.18
CA LYS A 68 5.58 -47.24 4.56
C LYS A 68 4.76 -46.53 3.49
N LYS A 69 4.95 -46.94 2.24
CA LYS A 69 4.30 -46.29 1.12
C LYS A 69 2.78 -46.47 1.21
N LEU A 70 2.05 -45.35 1.09
CA LEU A 70 0.60 -45.37 1.07
C LEU A 70 0.10 -45.54 -0.35
N VAL A 71 -1.09 -46.13 -0.49
CA VAL A 71 -1.65 -46.51 -1.78
C VAL A 71 -2.89 -45.68 -2.03
N GLU A 72 -2.94 -45.01 -3.19
CA GLU A 72 -4.09 -44.19 -3.55
C GLU A 72 -5.37 -45.01 -3.56
N GLY A 73 -6.43 -44.40 -3.07
CA GLY A 73 -7.74 -45.07 -3.00
C GLY A 73 -7.97 -45.88 -1.75
N GLU A 74 -6.97 -46.68 -1.37
CA GLU A 74 -7.09 -47.50 -0.17
C GLU A 74 -6.82 -46.68 1.09
N GLU A 75 -5.67 -46.02 1.15
CA GLU A 75 -5.26 -45.28 2.33
C GLU A 75 -5.37 -43.77 2.20
N TYR A 76 -5.46 -43.24 0.98
CA TYR A 76 -5.55 -41.80 0.82
C TYR A 76 -6.29 -41.45 -0.46
N THR A 77 -6.84 -40.23 -0.49
CA THR A 77 -7.37 -39.61 -1.69
C THR A 77 -6.71 -38.26 -1.89
N TYR A 78 -6.57 -37.84 -3.14
CA TYR A 78 -6.05 -36.52 -3.49
C TYR A 78 -6.90 -35.96 -4.62
N ASP A 79 -7.40 -34.73 -4.45
CA ASP A 79 -8.29 -34.11 -5.43
C ASP A 79 -7.72 -32.82 -6.02
N ASN A 80 -6.39 -32.66 -6.01
CA ASN A 80 -5.67 -31.48 -6.49
C ASN A 80 -5.80 -30.29 -5.55
N GLU A 81 -6.42 -30.47 -4.38
CA GLU A 81 -6.57 -29.39 -3.39
C GLU A 81 -6.30 -29.91 -1.98
N PHE A 82 -6.79 -31.10 -1.68
CA PHE A 82 -6.69 -31.69 -0.35
C PHE A 82 -6.19 -33.13 -0.47
N LEU A 83 -5.16 -33.47 0.30
CA LEU A 83 -4.71 -34.84 0.47
C LEU A 83 -5.32 -35.35 1.77
N THR A 84 -6.14 -36.40 1.67
CA THR A 84 -6.84 -36.96 2.82
C THR A 84 -6.29 -38.34 3.10
N ILE A 85 -5.74 -38.54 4.30
CA ILE A 85 -5.32 -39.86 4.76
C ILE A 85 -6.34 -40.32 5.78
N PHE A 86 -6.99 -41.46 5.49
CA PHE A 86 -8.08 -41.92 6.33
C PHE A 86 -7.58 -42.24 7.73
N SER A 87 -8.37 -41.86 8.73
CA SER A 87 -7.90 -41.86 10.11
C SER A 87 -7.41 -43.23 10.55
N LYS A 88 -7.98 -44.31 10.03
CA LYS A 88 -7.53 -45.64 10.45
C LYS A 88 -6.06 -45.89 10.09
N PHE A 89 -5.50 -45.11 9.18
CA PHE A 89 -4.10 -45.24 8.79
C PHE A 89 -3.22 -44.15 9.38
N VAL A 90 -3.78 -43.26 10.18
CA VAL A 90 -3.02 -42.19 10.82
C VAL A 90 -2.52 -42.70 12.17
N PRO A 91 -1.22 -42.58 12.46
CA PRO A 91 -0.70 -43.06 13.74
C PRO A 91 -1.29 -42.29 14.91
N LYS A 92 -1.18 -42.88 16.10
CA LYS A 92 -1.74 -42.28 17.30
C LYS A 92 -0.70 -41.59 18.17
N SER A 93 0.58 -41.70 17.83
CA SER A 93 1.67 -41.00 18.49
CA SER A 93 1.62 -40.92 18.50
C SER A 93 2.53 -40.33 17.43
N LYS A 94 3.71 -39.84 17.84
CA LYS A 94 4.62 -39.19 16.90
C LYS A 94 4.88 -40.08 15.69
N PHE A 95 4.84 -39.46 14.52
CA PHE A 95 5.04 -40.20 13.28
C PHE A 95 5.69 -39.27 12.26
N ALA A 96 6.20 -39.88 11.19
CA ALA A 96 6.77 -39.16 10.07
C ALA A 96 5.85 -39.33 8.86
N PHE A 97 5.49 -38.23 8.23
CA PHE A 97 4.83 -38.25 6.93
C PHE A 97 5.82 -37.81 5.87
N SER A 98 5.90 -38.53 4.76
CA SER A 98 6.83 -38.12 3.72
C SER A 98 6.14 -38.16 2.36
N SER A 99 6.63 -37.33 1.45
CA SER A 99 6.06 -37.27 0.12
C SER A 99 7.13 -36.82 -0.87
N GLU A 100 6.92 -37.20 -2.13
CA GLU A 100 7.67 -36.65 -3.24
C GLU A 100 6.68 -36.19 -4.29
N VAL A 101 6.78 -34.93 -4.70
CA VAL A 101 5.85 -34.36 -5.67
C VAL A 101 6.65 -33.64 -6.75
N ILE A 102 6.00 -33.41 -7.88
CA ILE A 102 6.57 -32.68 -9.00
C ILE A 102 5.77 -31.40 -9.18
N ILE A 103 6.48 -30.28 -9.32
CA ILE A 103 5.86 -29.00 -9.62
C ILE A 103 6.63 -28.38 -10.78
N HIS A 104 6.09 -27.28 -11.32
CA HIS A 104 6.57 -26.74 -12.60
C HIS A 104 6.69 -25.21 -12.52
N PRO A 105 7.75 -24.70 -11.89
CA PRO A 105 7.87 -23.24 -11.75
C PRO A 105 7.95 -22.49 -13.07
N GLU A 106 8.44 -23.11 -14.14
CA GLU A 106 8.63 -22.42 -15.41
C GLU A 106 7.31 -21.88 -15.97
N THR A 107 6.22 -22.62 -15.78
CA THR A 107 4.93 -22.22 -16.34
C THR A 107 3.98 -21.68 -15.27
N ASN A 108 4.52 -21.32 -14.11
CA ASN A 108 3.70 -20.81 -13.00
C ASN A 108 3.60 -19.30 -13.13
N TYR A 109 2.68 -18.85 -13.98
CA TYR A 109 2.54 -17.43 -14.26
C TYR A 109 1.66 -16.71 -13.27
N ALA A 110 1.06 -17.41 -12.32
CA ALA A 110 0.31 -16.76 -11.25
C ALA A 110 1.22 -16.20 -10.16
N LEU A 111 2.49 -16.62 -10.12
CA LEU A 111 3.51 -16.04 -9.25
C LEU A 111 3.19 -16.30 -7.77
N THR A 112 2.63 -17.48 -7.51
CA THR A 112 2.37 -17.95 -6.16
C THR A 112 2.91 -19.37 -6.06
N GLY A 113 3.43 -19.72 -4.89
CA GLY A 113 4.15 -20.99 -4.80
C GLY A 113 5.58 -20.82 -5.31
N LEU A 114 6.10 -21.80 -6.04
CA LEU A 114 7.44 -21.72 -6.59
C LEU A 114 7.33 -21.37 -8.08
N TYR A 115 8.02 -20.31 -8.49
CA TYR A 115 7.86 -19.86 -9.87
C TYR A 115 9.17 -19.32 -10.40
N LYS A 116 9.19 -19.10 -11.71
CA LYS A 116 10.38 -18.62 -12.41
C LYS A 116 10.09 -17.20 -12.87
N SER A 117 10.93 -16.25 -12.45
CA SER A 117 10.85 -14.86 -12.90
C SER A 117 12.11 -14.60 -13.71
N LYS A 118 11.94 -14.51 -15.04
CA LYS A 118 13.07 -14.41 -15.95
C LYS A 118 13.97 -15.63 -15.72
N ASN A 119 15.20 -15.45 -15.23
CA ASN A 119 16.07 -16.59 -14.98
C ASN A 119 16.29 -16.86 -13.49
N ILE A 120 15.36 -16.42 -12.64
CA ILE A 120 15.44 -16.62 -11.20
C ILE A 120 14.28 -17.50 -10.77
N ILE A 121 14.58 -18.57 -10.03
CA ILE A 121 13.56 -19.37 -9.37
C ILE A 121 13.30 -18.74 -8.00
N VAL A 122 12.03 -18.49 -7.68
CA VAL A 122 11.71 -17.75 -6.48
C VAL A 122 10.36 -18.25 -5.95
N SER A 123 10.17 -18.16 -4.64
CA SER A 123 8.92 -18.59 -4.01
C SER A 123 8.13 -17.39 -3.50
N GLN A 124 6.80 -17.53 -3.47
CA GLN A 124 5.95 -16.60 -2.74
C GLN A 124 4.89 -17.43 -2.03
N CYS A 125 4.99 -17.51 -0.70
CA CYS A 125 4.14 -18.43 0.06
C CYS A 125 3.03 -17.75 0.85
N GLU A 126 3.18 -16.50 1.25
CA GLU A 126 2.03 -15.84 1.87
C GLU A 126 0.95 -15.63 0.82
N ALA A 127 -0.30 -15.90 1.18
CA ALA A 127 -0.79 -16.45 2.45
C ALA A 127 -0.79 -17.97 2.46
N THR A 128 -1.39 -18.57 1.44
CA THR A 128 -1.55 -20.02 1.38
C THR A 128 -0.89 -20.58 0.14
N GLY A 129 0.32 -20.09 -0.15
CA GLY A 129 1.11 -20.56 -1.28
C GLY A 129 2.03 -21.73 -0.98
N PHE A 130 2.35 -21.99 0.29
CA PHE A 130 3.24 -23.11 0.59
C PHE A 130 2.65 -24.43 0.11
N ARG A 131 1.31 -24.56 0.15
CA ARG A 131 0.65 -25.77 -0.31
CA ARG A 131 0.66 -25.78 -0.31
C ARG A 131 0.81 -26.02 -1.80
N ARG A 132 1.28 -25.02 -2.56
CA ARG A 132 1.58 -25.18 -3.98
C ARG A 132 2.99 -25.72 -4.20
N ILE A 133 3.77 -25.89 -3.12
CA ILE A 133 5.11 -26.44 -3.20
C ILE A 133 5.15 -27.86 -2.66
N THR A 134 4.45 -28.11 -1.56
CA THR A 134 4.39 -29.45 -0.98
C THR A 134 3.19 -29.52 -0.05
N PHE A 135 2.89 -30.74 0.41
CA PHE A 135 1.77 -30.94 1.31
C PHE A 135 2.03 -30.33 2.68
N PHE A 136 1.02 -29.70 3.25
CA PHE A 136 1.21 -29.09 4.56
C PHE A 136 -0.15 -28.79 5.15
N ILE A 137 -0.17 -28.56 6.46
CA ILE A 137 -1.35 -27.98 7.10
C ILE A 137 -1.09 -26.47 7.06
N ASP A 138 -1.53 -25.85 5.96
CA ASP A 138 -1.07 -24.52 5.53
C ASP A 138 -1.89 -23.44 6.22
N ARG A 139 -1.50 -23.14 7.45
CA ARG A 139 -2.11 -22.12 8.30
C ARG A 139 -1.05 -21.65 9.27
N PRO A 140 -1.06 -20.37 9.66
CA PRO A 140 0.13 -19.81 10.33
C PRO A 140 0.31 -20.26 11.77
N ASP A 141 -0.67 -20.93 12.39
CA ASP A 141 -0.46 -21.43 13.74
C ASP A 141 0.24 -22.78 13.77
N MET A 142 0.63 -23.32 12.61
CA MET A 142 1.34 -24.60 12.54
C MET A 142 2.84 -24.30 12.44
N MET A 143 3.45 -24.04 13.60
CA MET A 143 4.84 -23.60 13.68
C MET A 143 5.77 -24.80 13.66
N ALA A 144 6.88 -24.69 12.93
CA ALA A 144 7.76 -25.84 12.77
C ALA A 144 9.18 -25.37 12.51
N LYS A 145 10.14 -26.27 12.73
CA LYS A 145 11.52 -26.08 12.34
C LYS A 145 11.71 -26.55 10.90
N TYR A 146 12.66 -25.92 10.19
CA TYR A 146 12.87 -26.17 8.76
C TYR A 146 14.33 -26.50 8.46
N ASP A 147 14.53 -27.60 7.74
CA ASP A 147 15.84 -28.04 7.27
C ASP A 147 15.69 -28.23 5.76
N VAL A 148 16.31 -27.37 4.96
CA VAL A 148 15.98 -27.26 3.55
C VAL A 148 17.24 -27.43 2.71
N THR A 149 17.22 -28.38 1.78
CA THR A 149 18.28 -28.57 0.81
C THR A 149 17.73 -28.23 -0.57
N VAL A 150 18.50 -27.44 -1.33
CA VAL A 150 18.14 -27.06 -2.70
C VAL A 150 19.26 -27.52 -3.61
N THR A 151 18.90 -28.15 -4.74
CA THR A 151 19.89 -28.54 -5.74
C THR A 151 19.48 -28.01 -7.10
N ALA A 152 20.46 -27.76 -7.96
CA ALA A 152 20.19 -27.15 -9.25
C ALA A 152 21.45 -27.20 -10.11
N ASP A 153 21.26 -26.97 -11.41
CA ASP A 153 22.37 -26.78 -12.32
C ASP A 153 23.24 -25.63 -11.83
N LYS A 154 24.55 -25.87 -11.69
CA LYS A 154 25.42 -24.86 -11.10
C LYS A 154 25.61 -23.67 -12.03
N GLU A 155 25.69 -23.90 -13.33
CA GLU A 155 25.91 -22.79 -14.26
C GLU A 155 24.71 -21.86 -14.31
N LYS A 156 23.50 -22.41 -14.35
CA LYS A 156 22.31 -21.55 -14.40
C LYS A 156 21.95 -20.97 -13.04
N TYR A 157 22.24 -21.67 -11.95
CA TYR A 157 21.77 -21.28 -10.61
C TYR A 157 22.90 -21.35 -9.59
N PRO A 158 23.91 -20.49 -9.73
CA PRO A 158 25.06 -20.56 -8.81
C PRO A 158 24.75 -20.08 -7.40
N VAL A 159 23.75 -19.24 -7.23
CA VAL A 159 23.38 -18.69 -5.93
C VAL A 159 22.11 -19.40 -5.47
N LEU A 160 22.21 -20.11 -4.35
CA LEU A 160 21.09 -20.81 -3.73
C LEU A 160 20.85 -20.20 -2.36
N LEU A 161 19.58 -19.89 -2.05
CA LEU A 161 19.23 -19.26 -0.79
C LEU A 161 17.96 -19.85 -0.21
N SER A 162 17.93 -19.99 1.12
CA SER A 162 16.68 -20.24 1.85
C SER A 162 16.79 -19.59 3.22
N ASN A 163 15.82 -19.85 4.09
CA ASN A 163 15.88 -19.31 5.46
C ASN A 163 16.95 -20.01 6.29
N GLY A 164 17.46 -19.28 7.28
CA GLY A 164 18.34 -19.88 8.27
C GLY A 164 19.80 -19.83 7.86
N ASP A 165 20.59 -20.67 8.52
CA ASP A 165 22.02 -20.71 8.27
C ASP A 165 22.34 -21.71 7.16
N LYS A 166 23.20 -21.30 6.24
CA LYS A 166 23.71 -22.23 5.24
C LYS A 166 24.76 -23.10 5.91
N VAL A 167 24.47 -24.39 6.03
CA VAL A 167 25.32 -25.31 6.78
C VAL A 167 26.10 -26.25 5.91
N ASN A 168 25.81 -26.35 4.62
CA ASN A 168 26.59 -27.19 3.73
C ASN A 168 26.40 -26.75 2.28
N GLU A 169 27.47 -26.87 1.51
CA GLU A 169 27.47 -26.66 0.07
C GLU A 169 28.21 -27.83 -0.54
N PHE A 170 27.67 -28.41 -1.61
CA PHE A 170 28.27 -29.63 -2.13
C PHE A 170 28.07 -29.72 -3.64
N GLU A 171 29.00 -30.40 -4.29
CA GLU A 171 28.94 -30.67 -5.71
C GLU A 171 28.14 -31.94 -5.97
N ILE A 172 27.50 -31.98 -7.14
CA ILE A 172 26.67 -33.11 -7.55
C ILE A 172 27.04 -33.51 -8.97
N PRO A 173 27.15 -34.80 -9.28
CA PRO A 173 27.47 -35.20 -10.66
C PRO A 173 26.48 -34.64 -11.67
N GLY A 174 26.97 -34.41 -12.89
CA GLY A 174 26.15 -33.84 -13.94
C GLY A 174 26.06 -32.33 -13.96
N GLY A 175 27.05 -31.64 -13.39
CA GLY A 175 27.04 -30.18 -13.41
C GLY A 175 26.14 -29.52 -12.40
N ARG A 176 25.71 -30.24 -11.36
CA ARG A 176 24.79 -29.71 -10.37
C ARG A 176 25.52 -29.37 -9.08
N HIS A 177 24.80 -28.71 -8.17
CA HIS A 177 25.33 -28.47 -6.84
C HIS A 177 24.15 -28.28 -5.89
N GLY A 178 24.45 -28.34 -4.59
CA GLY A 178 23.43 -28.24 -3.57
C GLY A 178 23.86 -27.33 -2.45
N ALA A 179 22.87 -26.83 -1.73
CA ALA A 179 23.10 -26.07 -0.51
C ALA A 179 22.04 -26.46 0.51
N ARG A 180 22.45 -26.61 1.76
CA ARG A 180 21.56 -27.00 2.84
C ARG A 180 21.46 -25.85 3.84
N PHE A 181 20.22 -25.51 4.20
CA PHE A 181 19.91 -24.41 5.12
C PHE A 181 19.13 -24.96 6.29
N ASN A 182 19.62 -24.74 7.51
CA ASN A 182 18.90 -25.16 8.71
C ASN A 182 18.44 -23.93 9.48
N ASP A 183 17.15 -23.90 9.82
CA ASP A 183 16.49 -22.76 10.45
C ASP A 183 15.79 -23.26 11.70
N PRO A 184 16.50 -23.33 12.83
CA PRO A 184 15.95 -23.95 14.03
C PRO A 184 14.76 -23.21 14.63
N PRO A 185 14.72 -21.87 14.64
CA PRO A 185 13.56 -21.20 15.26
C PRO A 185 12.26 -21.58 14.57
N LEU A 186 11.23 -21.82 15.37
CA LEU A 186 9.91 -22.14 14.82
C LEU A 186 9.40 -21.00 13.93
N LYS A 187 8.74 -21.35 12.83
CA LYS A 187 8.10 -20.35 11.99
C LYS A 187 6.89 -20.94 11.29
N PRO A 188 5.92 -20.09 10.92
CA PRO A 188 4.84 -20.54 10.04
C PRO A 188 5.34 -20.70 8.61
N CYS A 189 4.63 -21.55 7.85
CA CYS A 189 5.11 -21.91 6.52
C CYS A 189 5.01 -20.76 5.52
N TYR A 190 4.17 -19.75 5.79
CA TYR A 190 4.12 -18.65 4.84
C TYR A 190 5.41 -17.83 4.83
N LEU A 191 6.29 -18.03 5.82
CA LEU A 191 7.57 -17.33 5.86
C LEU A 191 8.72 -18.14 5.28
N PHE A 192 8.46 -19.37 4.85
CA PHE A 192 9.44 -20.13 4.07
C PHE A 192 9.72 -19.43 2.76
N ALA A 193 10.99 -19.43 2.33
CA ALA A 193 11.32 -18.96 1.01
C ALA A 193 12.53 -19.70 0.47
N VAL A 194 12.62 -19.75 -0.86
CA VAL A 194 13.80 -20.27 -1.54
C VAL A 194 14.02 -19.43 -2.79
N VAL A 195 15.30 -19.22 -3.13
CA VAL A 195 15.69 -18.46 -4.32
C VAL A 195 16.87 -19.18 -4.96
N ALA A 196 16.85 -19.29 -6.28
CA ALA A 196 17.99 -19.83 -7.02
C ALA A 196 18.21 -18.99 -8.27
N GLY A 197 19.45 -18.54 -8.49
CA GLY A 197 19.70 -17.76 -9.70
C GLY A 197 21.16 -17.39 -9.84
N ASP A 198 21.45 -16.76 -10.98
CA ASP A 198 22.77 -16.20 -11.23
C ASP A 198 22.80 -14.77 -10.68
N LEU A 199 22.73 -14.68 -9.36
CA LEU A 199 22.55 -13.42 -8.68
C LEU A 199 23.88 -12.74 -8.38
N LYS A 200 23.89 -11.41 -8.49
CA LYS A 200 25.01 -10.58 -8.11
C LYS A 200 24.58 -9.72 -6.92
N HIS A 201 25.55 -9.25 -6.14
CA HIS A 201 25.17 -8.66 -4.86
C HIS A 201 26.07 -7.49 -4.48
N LEU A 202 25.55 -6.69 -3.56
CA LEU A 202 26.31 -5.80 -2.71
C LEU A 202 26.14 -6.27 -1.27
N SER A 203 27.16 -6.06 -0.44
CA SER A 203 27.04 -6.50 0.95
C SER A 203 27.68 -5.49 1.88
N ALA A 204 27.30 -5.59 3.15
CA ALA A 204 27.88 -4.79 4.22
C ALA A 204 27.73 -5.56 5.52
N THR A 205 28.43 -5.10 6.55
CA THR A 205 28.29 -5.67 7.88
C THR A 205 27.68 -4.61 8.79
N TYR A 206 26.65 -4.99 9.55
CA TYR A 206 26.00 -4.12 10.52
C TYR A 206 26.24 -4.68 11.91
N ILE A 207 26.67 -3.82 12.83
CA ILE A 207 26.90 -4.21 14.22
C ILE A 207 25.76 -3.65 15.05
N THR A 208 25.05 -4.54 15.75
CA THR A 208 23.85 -4.13 16.48
C THR A 208 24.21 -3.25 17.67
N LYS A 209 23.22 -2.47 18.13
CA LYS A 209 23.47 -1.36 19.04
C LYS A 209 23.85 -1.84 20.43
N TYR A 210 23.22 -2.90 20.93
CA TYR A 210 23.38 -3.33 22.31
C TYR A 210 24.14 -4.63 22.46
N THR A 211 23.74 -5.69 21.75
CA THR A 211 24.47 -6.94 21.84
C THR A 211 25.74 -6.94 21.01
N LYS A 212 25.93 -5.95 20.14
CA LYS A 212 27.14 -5.82 19.33
C LYS A 212 27.34 -7.02 18.42
N LYS A 213 26.25 -7.62 17.97
CA LYS A 213 26.31 -8.74 17.04
C LYS A 213 26.61 -8.24 15.63
N LYS A 214 27.45 -8.99 14.92
CA LYS A 214 27.74 -8.70 13.52
C LYS A 214 26.66 -9.32 12.65
N VAL A 215 25.97 -8.51 11.86
CA VAL A 215 24.95 -8.99 10.93
C VAL A 215 25.44 -8.75 9.51
N GLU A 216 25.49 -9.82 8.71
CA GLU A 216 25.84 -9.70 7.31
C GLU A 216 24.60 -9.31 6.51
N LEU A 217 24.72 -8.23 5.73
CA LEU A 217 23.62 -7.73 4.91
C LEU A 217 23.98 -7.95 3.45
N TYR A 218 23.07 -8.60 2.71
CA TYR A 218 23.27 -8.86 1.29
C TYR A 218 22.06 -8.37 0.50
N VAL A 219 22.31 -7.65 -0.59
CA VAL A 219 21.25 -7.26 -1.52
C VAL A 219 21.60 -7.81 -2.90
N PHE A 220 20.62 -8.48 -3.53
CA PHE A 220 20.84 -9.28 -4.73
C PHE A 220 19.96 -8.81 -5.88
N SER A 221 20.50 -8.89 -7.10
CA SER A 221 19.71 -8.70 -8.31
C SER A 221 20.35 -9.52 -9.43
N GLU A 222 19.68 -9.56 -10.58
CA GLU A 222 20.35 -10.08 -11.76
C GLU A 222 21.54 -9.18 -12.11
N GLU A 223 22.50 -9.77 -12.83
CA GLU A 223 23.76 -9.08 -13.09
C GLU A 223 23.56 -7.74 -13.79
N LYS A 224 22.56 -7.67 -14.70
CA LYS A 224 22.34 -6.46 -15.48
C LYS A 224 22.12 -5.24 -14.60
N TYR A 225 21.52 -5.42 -13.42
CA TYR A 225 21.05 -4.31 -12.62
C TYR A 225 21.77 -4.18 -11.27
N VAL A 226 22.93 -4.85 -11.13
CA VAL A 226 23.64 -4.82 -9.84
C VAL A 226 24.03 -3.39 -9.45
N SER A 227 24.22 -2.51 -10.43
CA SER A 227 24.53 -1.11 -10.14
C SER A 227 23.35 -0.33 -9.54
N LYS A 228 22.18 -0.94 -9.41
CA LYS A 228 21.01 -0.27 -8.86
C LYS A 228 20.70 -0.70 -7.42
N LEU A 229 21.64 -1.36 -6.75
CA LEU A 229 21.38 -1.96 -5.43
C LEU A 229 21.77 -1.06 -4.26
N GLN A 230 22.51 0.03 -4.51
CA GLN A 230 23.18 0.72 -3.40
C GLN A 230 22.19 1.37 -2.46
N TRP A 231 21.14 2.02 -2.98
CA TRP A 231 20.22 2.73 -2.11
C TRP A 231 19.48 1.77 -1.19
N ALA A 232 19.09 0.61 -1.72
CA ALA A 232 18.42 -0.40 -0.89
C ALA A 232 19.27 -0.81 0.30
N LEU A 233 20.56 -1.03 0.08
CA LEU A 233 21.45 -1.39 1.18
C LEU A 233 21.49 -0.27 2.22
N GLU A 234 21.59 0.98 1.76
CA GLU A 234 21.54 2.11 2.67
C GLU A 234 20.23 2.15 3.45
N CYS A 235 19.11 1.86 2.77
CA CYS A 235 17.83 1.90 3.45
C CYS A 235 17.74 0.79 4.49
N LEU A 236 18.34 -0.37 4.22
CA LEU A 236 18.31 -1.45 5.19
C LEU A 236 19.06 -1.06 6.45
N LYS A 237 20.25 -0.48 6.29
CA LYS A 237 20.99 -0.01 7.46
C LYS A 237 20.16 1.00 8.24
N LYS A 238 19.51 1.93 7.53
CA LYS A 238 18.67 2.92 8.18
C LYS A 238 17.53 2.27 8.96
N SER A 239 16.93 1.23 8.39
CA SER A 239 15.79 0.55 9.03
C SER A 239 16.23 -0.13 10.32
N MET A 240 17.35 -0.83 10.27
CA MET A 240 17.90 -1.47 11.46
C MET A 240 18.17 -0.44 12.55
N ALA A 241 18.77 0.69 12.19
CA ALA A 241 19.07 1.70 13.21
C ALA A 241 17.79 2.27 13.81
N PHE A 242 16.74 2.43 12.99
CA PHE A 242 15.52 3.04 13.51
C PHE A 242 14.83 2.11 14.51
N ASP A 243 14.73 0.81 14.20
CA ASP A 243 14.11 -0.10 15.17
C ASP A 243 14.92 -0.12 16.45
N GLU A 244 16.24 -0.02 16.35
CA GLU A 244 17.07 0.04 17.55
C GLU A 244 16.83 1.33 18.32
N ASP A 245 16.72 2.46 17.63
CA ASP A 245 16.70 3.76 18.31
C ASP A 245 15.33 4.09 18.88
N TYR A 246 14.27 3.81 18.11
CA TYR A 246 12.91 4.12 18.57
C TYR A 246 12.37 3.03 19.49
N PHE A 247 12.50 1.76 19.08
CA PHE A 247 11.85 0.65 19.76
C PHE A 247 12.81 -0.21 20.59
N GLY A 248 14.12 0.04 20.51
CA GLY A 248 15.05 -0.78 21.25
C GLY A 248 15.20 -2.21 20.75
N LEU A 249 14.87 -2.46 19.49
CA LEU A 249 14.80 -3.81 18.93
C LEU A 249 15.98 -4.04 17.99
N GLU A 250 16.70 -5.13 18.20
CA GLU A 250 17.84 -5.50 17.36
C GLU A 250 17.54 -6.76 16.56
N TYR A 251 18.17 -6.85 15.40
CA TYR A 251 18.07 -8.06 14.58
C TYR A 251 18.74 -9.23 15.28
N ASP A 252 18.12 -10.40 15.20
CA ASP A 252 18.51 -11.58 15.97
C ASP A 252 19.29 -12.62 15.18
N LEU A 253 19.44 -12.44 13.87
CA LEU A 253 20.04 -13.44 13.00
C LEU A 253 21.39 -12.97 12.48
N SER A 254 22.19 -13.92 11.97
CA SER A 254 23.53 -13.57 11.53
C SER A 254 23.55 -12.95 10.14
N ARG A 255 22.47 -13.06 9.38
CA ARG A 255 22.46 -12.60 8.00
C ARG A 255 21.04 -12.22 7.60
N LEU A 256 20.94 -11.20 6.76
CA LEU A 256 19.68 -10.78 6.14
C LEU A 256 19.93 -10.58 4.66
N ASN A 257 19.17 -11.31 3.83
CA ASN A 257 19.24 -11.20 2.38
C ASN A 257 18.02 -10.48 1.85
N LEU A 258 18.24 -9.56 0.91
CA LEU A 258 17.17 -8.93 0.12
C LEU A 258 17.40 -9.28 -1.34
N VAL A 259 16.33 -9.67 -2.06
CA VAL A 259 16.46 -10.16 -3.43
C VAL A 259 15.39 -9.49 -4.29
N ALA A 260 15.81 -8.91 -5.41
CA ALA A 260 14.89 -8.31 -6.38
C ALA A 260 14.57 -9.30 -7.49
N VAL A 261 13.27 -9.43 -7.82
CA VAL A 261 12.83 -10.20 -8.98
C VAL A 261 11.90 -9.34 -9.84
N SER A 262 11.90 -9.63 -11.13
CA SER A 262 11.17 -8.80 -12.08
C SER A 262 9.66 -9.04 -12.05
N ASP A 263 9.23 -10.24 -11.69
CA ASP A 263 7.82 -10.62 -11.72
C ASP A 263 7.33 -10.86 -10.30
N PHE A 264 6.45 -9.97 -9.81
CA PHE A 264 6.01 -10.06 -8.43
C PHE A 264 4.63 -9.45 -8.35
N ASN A 265 3.73 -10.10 -7.60
CA ASN A 265 2.34 -9.66 -7.58
C ASN A 265 2.15 -8.37 -6.82
N VAL A 266 2.98 -8.09 -5.80
CA VAL A 266 2.80 -6.90 -4.99
C VAL A 266 4.15 -6.19 -4.83
N GLY A 267 4.39 -5.58 -3.67
CA GLY A 267 5.61 -4.81 -3.47
C GLY A 267 6.79 -5.63 -2.96
N ALA A 268 6.63 -6.31 -1.83
CA ALA A 268 7.71 -7.14 -1.27
C ALA A 268 7.15 -8.05 -0.19
N MET A 269 7.99 -8.99 0.25
CA MET A 269 7.57 -10.06 1.15
C MET A 269 8.64 -10.31 2.21
N GLU A 270 8.21 -10.51 3.46
CA GLU A 270 9.12 -10.51 4.59
C GLU A 270 9.64 -11.91 4.99
N ASN A 271 9.85 -12.83 4.04
CA ASN A 271 10.35 -14.15 4.42
C ASN A 271 11.58 -14.03 5.31
N LYS A 272 11.62 -14.85 6.36
CA LYS A 272 12.60 -14.67 7.43
C LYS A 272 14.03 -14.78 6.91
N GLY A 273 14.79 -13.69 7.04
CA GLY A 273 16.17 -13.62 6.58
C GLY A 273 16.34 -13.59 5.08
N LEU A 274 15.25 -13.58 4.32
CA LEU A 274 15.28 -13.71 2.87
C LEU A 274 14.10 -12.91 2.32
N ASN A 275 14.18 -11.58 2.44
CA ASN A 275 13.11 -10.71 1.96
C ASN A 275 13.17 -10.61 0.44
N ILE A 276 12.02 -10.77 -0.21
CA ILE A 276 11.95 -10.81 -1.66
C ILE A 276 11.10 -9.64 -2.13
N PHE A 277 11.58 -8.93 -3.15
CA PHE A 277 11.05 -7.64 -3.56
C PHE A 277 10.69 -7.64 -5.03
N ASN A 278 9.55 -7.05 -5.35
CA ASN A 278 9.37 -6.48 -6.69
C ASN A 278 10.58 -5.60 -6.98
N ALA A 279 11.25 -5.86 -8.12
CA ALA A 279 12.40 -5.05 -8.48
C ALA A 279 12.07 -3.55 -8.48
N ASN A 280 10.83 -3.17 -8.80
CA ASN A 280 10.55 -1.74 -8.79
C ASN A 280 10.54 -1.15 -7.39
N SER A 281 10.59 -1.98 -6.34
CA SER A 281 10.63 -1.51 -4.96
C SER A 281 11.95 -1.83 -4.28
N LEU A 282 12.99 -2.23 -5.02
CA LEU A 282 14.32 -2.42 -4.45
C LEU A 282 15.41 -1.69 -5.25
N LEU A 283 15.26 -1.58 -6.57
CA LEU A 283 16.33 -1.14 -7.44
C LEU A 283 16.13 0.29 -7.90
N ALA A 284 17.20 1.09 -7.84
CA ALA A 284 17.15 2.44 -8.41
C ALA A 284 18.57 2.90 -8.74
N SER A 285 18.65 3.82 -9.71
CA SER A 285 19.83 4.67 -9.87
C SER A 285 19.34 6.03 -10.37
N LYS A 286 20.17 7.06 -10.16
CA LYS A 286 19.73 8.41 -10.50
C LYS A 286 19.52 8.58 -12.00
N LYS A 287 20.28 7.86 -12.82
CA LYS A 287 20.15 7.96 -14.27
C LYS A 287 18.93 7.23 -14.78
N ASN A 288 18.45 6.23 -14.05
CA ASN A 288 17.48 5.28 -14.58
C ASN A 288 16.21 5.14 -13.73
N SER A 289 15.99 6.04 -12.78
CA SER A 289 14.80 5.95 -11.94
C SER A 289 14.24 7.35 -11.73
N ILE A 290 12.91 7.44 -11.65
CA ILE A 290 12.28 8.69 -11.24
C ILE A 290 12.44 8.85 -9.72
N ASP A 291 12.25 10.09 -9.25
CA ASP A 291 12.47 10.42 -7.85
C ASP A 291 11.64 9.54 -6.91
N PHE A 292 10.39 9.24 -7.31
CA PHE A 292 9.49 8.45 -6.48
C PHE A 292 10.10 7.12 -6.04
N SER A 293 10.99 6.55 -6.86
CA SER A 293 11.63 5.28 -6.51
C SER A 293 12.36 5.34 -5.17
N TYR A 294 12.93 6.50 -4.83
CA TYR A 294 13.78 6.56 -3.64
C TYR A 294 12.96 6.47 -2.36
N ALA A 295 11.84 7.22 -2.28
CA ALA A 295 10.97 7.03 -1.13
C ALA A 295 10.34 5.65 -1.15
N ARG A 296 10.06 5.11 -2.33
CA ARG A 296 9.43 3.80 -2.43
C ARG A 296 10.33 2.72 -1.84
N ILE A 297 11.61 2.71 -2.24
CA ILE A 297 12.55 1.71 -1.73
C ILE A 297 12.75 1.88 -0.23
N LEU A 298 12.87 3.13 0.23
CA LEU A 298 13.01 3.37 1.66
C LEU A 298 11.85 2.75 2.44
N THR A 299 10.61 3.00 2.00
CA THR A 299 9.47 2.55 2.78
C THR A 299 9.30 1.04 2.66
N VAL A 300 9.59 0.47 1.48
CA VAL A 300 9.35 -0.97 1.32
C VAL A 300 10.43 -1.79 2.01
N VAL A 301 11.70 -1.38 1.87
CA VAL A 301 12.75 -2.03 2.65
C VAL A 301 12.46 -1.91 4.14
N GLY A 302 12.09 -0.70 4.58
CA GLY A 302 11.75 -0.53 5.98
C GLY A 302 10.62 -1.44 6.41
N HIS A 303 9.55 -1.44 5.62
CA HIS A 303 8.38 -2.26 5.91
C HIS A 303 8.75 -3.73 6.12
N GLU A 304 9.48 -4.33 5.18
CA GLU A 304 9.83 -5.74 5.34
C GLU A 304 10.74 -5.95 6.54
N TYR A 305 11.65 -5.02 6.80
CA TYR A 305 12.52 -5.19 7.96
C TYR A 305 11.72 -5.13 9.26
N PHE A 306 10.77 -4.20 9.37
CA PHE A 306 10.03 -4.09 10.62
C PHE A 306 9.16 -5.31 10.87
N HIS A 307 8.86 -6.07 9.81
CA HIS A 307 8.14 -7.32 10.00
C HIS A 307 8.93 -8.33 10.82
N GLN A 308 10.26 -8.21 10.91
CA GLN A 308 11.00 -9.24 11.63
C GLN A 308 10.49 -9.38 13.07
N TYR A 309 10.09 -8.27 13.70
CA TYR A 309 9.36 -8.36 14.96
C TYR A 309 7.86 -8.46 14.79
N THR A 310 7.25 -7.53 14.06
CA THR A 310 5.79 -7.45 13.99
C THR A 310 5.33 -8.25 12.76
N GLY A 311 5.29 -9.57 12.94
CA GLY A 311 4.90 -10.50 11.89
C GLY A 311 5.71 -11.78 11.94
N ASN A 312 7.03 -11.68 12.10
CA ASN A 312 7.87 -12.88 12.09
C ASN A 312 8.11 -13.42 13.51
N ARG A 313 8.73 -12.63 14.38
CA ARG A 313 8.95 -13.09 15.76
C ARG A 313 7.64 -13.17 16.53
N VAL A 314 6.77 -12.19 16.37
CA VAL A 314 5.38 -12.28 16.82
C VAL A 314 4.55 -12.47 15.56
N THR A 315 3.94 -13.65 15.41
CA THR A 315 3.23 -13.93 14.18
C THR A 315 1.72 -14.02 14.45
N LEU A 316 0.97 -14.54 13.47
CA LEU A 316 -0.48 -14.52 13.51
C LEU A 316 -1.05 -15.88 13.88
N ARG A 317 -2.10 -15.88 14.71
CA ARG A 317 -2.80 -17.12 15.00
C ARG A 317 -3.56 -17.63 13.80
N ASP A 318 -4.09 -16.72 12.99
CA ASP A 318 -4.95 -17.03 11.84
C ASP A 318 -4.96 -15.79 10.96
N TRP A 319 -5.47 -15.94 9.73
CA TRP A 319 -5.39 -14.85 8.77
C TRP A 319 -6.33 -13.69 9.10
N PHE A 320 -7.35 -13.91 9.94
CA PHE A 320 -8.18 -12.77 10.32
C PHE A 320 -7.41 -11.73 11.11
N GLN A 321 -6.29 -12.11 11.71
CA GLN A 321 -5.43 -11.16 12.41
C GLN A 321 -4.48 -10.40 11.49
N LEU A 322 -4.69 -10.45 10.17
CA LEU A 322 -3.71 -9.87 9.23
C LEU A 322 -3.32 -8.43 9.59
N THR A 323 -4.30 -7.60 9.96
CA THR A 323 -3.99 -6.19 10.27
C THR A 323 -3.08 -6.08 11.50
N LEU A 324 -3.09 -7.08 12.39
CA LEU A 324 -2.13 -7.07 13.49
C LEU A 324 -0.70 -7.00 13.00
N LYS A 325 -0.35 -7.71 11.93
CA LYS A 325 1.00 -7.53 11.43
C LYS A 325 1.08 -6.47 10.34
N GLU A 326 0.04 -6.27 9.54
CA GLU A 326 0.22 -5.31 8.45
C GLU A 326 -0.07 -3.87 8.89
N GLY A 327 -1.19 -3.64 9.56
CA GLY A 327 -1.43 -2.30 10.09
C GLY A 327 -0.30 -1.83 11.00
N LEU A 328 0.20 -2.72 11.85
CA LEU A 328 1.25 -2.31 12.79
C LEU A 328 2.57 -2.09 12.07
N THR A 329 2.86 -2.91 11.06
CA THR A 329 4.10 -2.72 10.32
C THR A 329 4.03 -1.48 9.42
N VAL A 330 2.87 -1.19 8.82
CA VAL A 330 2.75 0.08 8.08
C VAL A 330 2.94 1.27 9.03
N HIS A 331 2.38 1.17 10.24
CA HIS A 331 2.59 2.24 11.21
C HIS A 331 4.07 2.41 11.55
N ARG A 332 4.77 1.29 11.77
CA ARG A 332 6.21 1.38 12.03
C ARG A 332 6.97 1.94 10.82
N GLU A 333 6.59 1.48 9.63
CA GLU A 333 7.14 1.99 8.37
C GLU A 333 6.93 3.50 8.24
N ASN A 334 5.74 3.98 8.60
CA ASN A 334 5.44 5.41 8.47
C ASN A 334 6.21 6.24 9.49
N LEU A 335 6.31 5.77 10.75
CA LEU A 335 7.18 6.45 11.71
C LEU A 335 8.59 6.58 11.17
N PHE A 336 9.09 5.49 10.57
CA PHE A 336 10.45 5.44 10.04
C PHE A 336 10.62 6.41 8.87
N SER A 337 9.69 6.38 7.93
CA SER A 337 9.82 7.23 6.75
CA SER A 337 9.83 7.23 6.74
C SER A 337 9.69 8.70 7.12
N GLU A 338 8.78 9.02 8.05
CA GLU A 338 8.67 10.41 8.49
C GLU A 338 9.98 10.89 9.11
N GLU A 339 10.63 10.04 9.89
CA GLU A 339 11.89 10.44 10.51
C GLU A 339 13.02 10.53 9.48
N MET A 340 13.02 9.65 8.47
CA MET A 340 14.14 9.66 7.52
C MET A 340 14.05 10.81 6.53
N THR A 341 12.83 11.17 6.11
CA THR A 341 12.66 12.17 5.07
C THR A 341 12.68 13.58 5.63
N LYS A 342 12.22 13.75 6.86
CA LYS A 342 12.14 15.07 7.53
C LYS A 342 11.37 16.07 6.68
N THR A 343 10.33 15.60 6.00
CA THR A 343 9.50 16.46 5.16
CA THR A 343 9.50 16.49 5.20
C THR A 343 8.04 16.25 5.56
N VAL A 344 7.28 17.34 5.70
CA VAL A 344 5.87 17.18 6.10
C VAL A 344 5.06 16.45 5.03
N THR A 345 5.52 16.46 3.77
CA THR A 345 4.72 15.80 2.74
C THR A 345 4.70 14.28 2.88
N THR A 346 5.59 13.68 3.68
CA THR A 346 5.51 12.25 3.89
C THR A 346 4.22 11.86 4.59
N ARG A 347 3.93 12.49 5.74
CA ARG A 347 2.66 12.22 6.42
C ARG A 347 1.49 12.66 5.55
N LEU A 348 1.59 13.82 4.90
CA LEU A 348 0.49 14.26 4.05
C LEU A 348 0.21 13.25 2.95
N SER A 349 1.27 12.65 2.39
CA SER A 349 1.05 11.72 1.30
C SER A 349 0.30 10.47 1.77
N HIS A 350 0.55 10.02 3.01
CA HIS A 350 -0.18 8.88 3.56
CA HIS A 350 -0.18 8.88 3.54
C HIS A 350 -1.65 9.21 3.76
N VAL A 351 -1.94 10.41 4.27
CA VAL A 351 -3.32 10.83 4.46
C VAL A 351 -4.04 10.93 3.12
N ASP A 352 -3.36 11.51 2.13
CA ASP A 352 -3.93 11.69 0.80
C ASP A 352 -4.32 10.35 0.19
N LEU A 353 -3.48 9.34 0.36
CA LEU A 353 -3.82 8.00 -0.10
C LEU A 353 -4.99 7.43 0.68
N LEU A 354 -4.97 7.53 2.01
CA LEU A 354 -6.08 7.01 2.80
C LEU A 354 -7.40 7.63 2.37
N ARG A 355 -7.47 8.97 2.34
CA ARG A 355 -8.75 9.60 2.15
C ARG A 355 -9.25 9.52 0.71
N SER A 356 -8.39 9.12 -0.23
CA SER A 356 -8.89 8.88 -1.58
C SER A 356 -9.21 7.39 -1.74
N VAL A 357 -8.17 6.55 -1.77
CA VAL A 357 -8.36 5.13 -2.09
C VAL A 357 -9.08 4.39 -0.96
N GLN A 358 -8.65 4.59 0.29
CA GLN A 358 -9.27 3.76 1.34
C GLN A 358 -10.68 4.24 1.68
N PHE A 359 -10.92 5.57 1.69
CA PHE A 359 -12.28 6.01 1.95
C PHE A 359 -13.23 5.53 0.86
N LEU A 360 -12.77 5.52 -0.40
CA LEU A 360 -13.61 4.98 -1.47
C LEU A 360 -13.95 3.51 -1.20
N GLU A 361 -12.94 2.72 -0.85
CA GLU A 361 -13.20 1.32 -0.51
C GLU A 361 -14.23 1.22 0.62
N ASP A 362 -14.12 2.07 1.64
CA ASP A 362 -14.97 1.94 2.82
C ASP A 362 -16.39 2.42 2.58
N SER A 363 -16.65 3.16 1.50
CA SER A 363 -18.02 3.51 1.16
C SER A 363 -18.54 2.71 -0.03
N SER A 364 -17.77 1.72 -0.49
CA SER A 364 -18.12 0.85 -1.61
C SER A 364 -18.77 -0.42 -1.10
N PRO A 365 -19.34 -1.23 -2.00
CA PRO A 365 -19.91 -2.51 -1.56
C PRO A 365 -18.87 -3.46 -1.00
N LEU A 366 -17.59 -3.17 -1.20
CA LEU A 366 -16.50 -3.99 -0.66
C LEU A 366 -16.13 -3.63 0.76
N SER A 367 -16.79 -2.64 1.36
CA SER A 367 -16.42 -2.16 2.69
C SER A 367 -16.32 -3.32 3.70
N HIS A 368 -15.24 -3.31 4.48
CA HIS A 368 -15.01 -4.30 5.52
C HIS A 368 -14.28 -3.63 6.67
N PRO A 369 -14.36 -4.19 7.88
CA PRO A 369 -13.54 -3.69 8.98
C PRO A 369 -12.10 -4.19 8.81
N ILE A 370 -11.18 -3.60 9.58
CA ILE A 370 -9.78 -3.98 9.42
C ILE A 370 -9.57 -5.41 9.87
N ARG A 371 -10.48 -5.99 10.66
CA ARG A 371 -10.48 -7.42 10.96
CA ARG A 371 -10.49 -7.41 10.97
C ARG A 371 -11.81 -8.00 10.48
N PRO A 372 -11.86 -8.49 9.25
CA PRO A 372 -13.13 -9.01 8.71
C PRO A 372 -13.61 -10.24 9.46
N GLU A 373 -14.90 -10.51 9.30
CA GLU A 373 -15.53 -11.66 9.92
C GLU A 373 -15.45 -12.92 9.08
N SER A 374 -15.12 -12.79 7.80
CA SER A 374 -15.12 -13.95 6.91
C SER A 374 -14.27 -13.63 5.69
N TYR A 375 -13.84 -14.69 5.00
CA TYR A 375 -13.20 -14.53 3.70
C TYR A 375 -13.42 -15.79 2.87
N VAL A 376 -13.33 -15.62 1.57
CA VAL A 376 -13.29 -16.73 0.61
C VAL A 376 -11.90 -16.84 -0.02
N SER A 377 -11.34 -15.72 -0.45
CA SER A 377 -10.05 -15.69 -1.11
C SER A 377 -9.07 -14.91 -0.24
N MET A 378 -7.99 -15.57 0.18
CA MET A 378 -6.95 -14.82 0.87
C MET A 378 -6.22 -13.87 -0.06
N GLU A 379 -6.15 -14.20 -1.35
CA GLU A 379 -5.43 -13.34 -2.28
C GLU A 379 -6.13 -12.00 -2.47
N ASN A 380 -7.43 -11.90 -2.10
CA ASN A 380 -8.18 -10.65 -2.15
C ASN A 380 -8.23 -9.92 -0.81
N PHE A 381 -7.61 -10.48 0.23
CA PHE A 381 -7.70 -9.97 1.60
C PHE A 381 -6.75 -8.80 1.86
N TYR A 382 -5.77 -8.58 0.99
CA TYR A 382 -4.68 -7.64 1.24
C TYR A 382 -5.13 -6.29 0.70
N THR A 383 -5.83 -5.52 1.54
CA THR A 383 -6.52 -4.31 1.09
C THR A 383 -5.95 -3.07 1.76
N THR A 384 -6.22 -1.91 1.13
CA THR A 384 -5.87 -0.66 1.77
C THR A 384 -6.61 -0.48 3.09
N THR A 385 -7.78 -1.10 3.26
CA THR A 385 -8.44 -1.05 4.57
C THR A 385 -7.59 -1.75 5.62
N VAL A 386 -7.20 -3.00 5.33
CA VAL A 386 -6.41 -3.76 6.30
C VAL A 386 -5.07 -3.08 6.58
N TYR A 387 -4.42 -2.55 5.52
CA TYR A 387 -3.09 -1.96 5.63
C TYR A 387 -3.14 -0.52 6.17
N ASP A 388 -3.85 0.35 5.46
CA ASP A 388 -3.71 1.78 5.70
C ASP A 388 -4.70 2.30 6.74
N LYS A 389 -5.96 1.86 6.72
CA LYS A 389 -6.77 2.14 7.90
C LYS A 389 -6.24 1.38 9.11
N GLY A 390 -5.77 0.14 8.90
CA GLY A 390 -5.09 -0.56 9.99
C GLY A 390 -3.96 0.27 10.59
N SER A 391 -3.16 0.91 9.73
N SER A 391 -3.15 0.90 9.73
CA SER A 391 -2.02 1.68 10.24
CA SER A 391 -2.03 1.69 10.22
C SER A 391 -2.49 2.91 11.03
C SER A 391 -2.51 2.89 11.04
N GLU A 392 -3.60 3.53 10.60
CA GLU A 392 -4.13 4.67 11.34
C GLU A 392 -4.69 4.23 12.68
N VAL A 393 -5.28 3.04 12.73
CA VAL A 393 -5.75 2.51 14.02
C VAL A 393 -4.57 2.21 14.93
N MET A 394 -3.48 1.70 14.36
CA MET A 394 -2.30 1.45 15.17
C MET A 394 -1.66 2.77 15.60
N ARG A 395 -1.68 3.78 14.72
CA ARG A 395 -1.13 5.09 15.06
C ARG A 395 -1.95 5.80 16.15
N MET A 396 -3.26 5.61 16.19
CA MET A 396 -4.08 6.28 17.21
C MET A 396 -3.67 5.87 18.63
N TYR A 397 -3.16 4.64 18.81
CA TYR A 397 -2.64 4.27 20.12
C TYR A 397 -1.51 5.20 20.54
N LEU A 398 -0.64 5.55 19.60
CA LEU A 398 0.47 6.46 19.89
C LEU A 398 -0.05 7.85 20.21
N THR A 399 -1.02 8.32 19.45
CA THR A 399 -1.62 9.62 19.75
C THR A 399 -2.27 9.63 21.13
N ILE A 400 -2.98 8.55 21.48
CA ILE A 400 -3.68 8.49 22.77
C ILE A 400 -2.70 8.42 23.93
N LEU A 401 -1.64 7.61 23.79
CA LEU A 401 -0.74 7.33 24.91
C LEU A 401 0.41 8.33 25.02
N GLY A 402 0.78 8.97 23.93
CA GLY A 402 2.04 9.68 23.89
C GLY A 402 3.22 8.74 23.71
N GLU A 403 4.35 9.31 23.28
CA GLU A 403 5.50 8.51 22.90
C GLU A 403 5.99 7.62 24.04
N GLU A 404 6.12 8.19 25.25
CA GLU A 404 6.74 7.42 26.34
C GLU A 404 5.90 6.19 26.69
N TYR A 405 4.60 6.38 26.89
CA TYR A 405 3.75 5.25 27.26
C TYR A 405 3.45 4.33 26.07
N TYR A 406 3.42 4.88 24.85
CA TYR A 406 3.28 4.01 23.68
C TYR A 406 4.46 3.05 23.60
N LYS A 407 5.68 3.57 23.79
CA LYS A 407 6.85 2.70 23.73
C LYS A 407 6.79 1.66 24.83
N LYS A 408 6.33 2.05 26.02
CA LYS A 408 6.18 1.10 27.12
C LYS A 408 5.19 0.00 26.77
N GLY A 409 4.04 0.39 26.20
CA GLY A 409 3.05 -0.61 25.83
C GLY A 409 3.51 -1.49 24.69
N PHE A 410 4.24 -0.92 23.73
CA PHE A 410 4.72 -1.70 22.61
C PHE A 410 5.71 -2.76 23.09
N ASP A 411 6.59 -2.39 24.02
CA ASP A 411 7.54 -3.35 24.54
C ASP A 411 6.84 -4.46 25.32
N ILE A 412 5.76 -4.13 26.04
CA ILE A 412 4.96 -5.16 26.70
C ILE A 412 4.42 -6.15 25.66
N TYR A 413 3.94 -5.64 24.52
CA TYR A 413 3.45 -6.51 23.47
C TYR A 413 4.54 -7.45 22.97
N ILE A 414 5.73 -6.90 22.73
CA ILE A 414 6.82 -7.69 22.17
C ILE A 414 7.31 -8.71 23.19
N LYS A 415 7.52 -8.28 24.45
CA LYS A 415 8.05 -9.19 25.46
C LYS A 415 7.09 -10.34 25.74
N LYS A 416 5.77 -10.05 25.78
CA LYS A 416 4.81 -11.08 26.13
C LYS A 416 4.60 -12.09 25.00
N ASN A 417 4.74 -11.67 23.74
CA ASN A 417 4.33 -12.49 22.61
C ASN A 417 5.48 -12.94 21.70
N ASP A 418 6.71 -12.54 21.98
CA ASP A 418 7.87 -12.93 21.20
C ASP A 418 7.95 -14.45 21.06
N GLY A 419 8.04 -14.93 19.82
CA GLY A 419 8.15 -16.35 19.55
C GLY A 419 6.85 -17.11 19.48
N ASN A 420 5.71 -16.41 19.54
CA ASN A 420 4.40 -17.02 19.57
C ASN A 420 3.51 -16.40 18.50
N THR A 421 2.36 -17.04 18.25
CA THR A 421 1.28 -16.40 17.52
C THR A 421 0.59 -15.38 18.42
N ALA A 422 -0.15 -14.45 17.80
CA ALA A 422 -0.87 -13.43 18.55
C ALA A 422 -2.12 -13.02 17.80
N THR A 423 -3.01 -12.31 18.49
CA THR A 423 -4.27 -11.80 17.94
C THR A 423 -4.35 -10.30 18.19
N CYS A 424 -5.35 -9.65 17.57
CA CYS A 424 -5.54 -8.22 17.78
C CYS A 424 -5.79 -7.90 19.25
N GLU A 425 -6.50 -8.79 19.96
CA GLU A 425 -6.73 -8.58 21.38
C GLU A 425 -5.42 -8.49 22.15
N ASP A 426 -4.42 -9.30 21.78
CA ASP A 426 -3.14 -9.27 22.49
C ASP A 426 -2.52 -7.89 22.42
N PHE A 427 -2.62 -7.23 21.26
CA PHE A 427 -2.05 -5.90 21.14
C PHE A 427 -2.86 -4.88 21.91
N ASN A 428 -4.19 -4.95 21.82
CA ASN A 428 -5.01 -4.01 22.58
C ASN A 428 -4.76 -4.15 24.07
N TYR A 429 -4.55 -5.40 24.53
CA TYR A 429 -4.26 -5.64 25.95
C TYR A 429 -2.98 -4.94 26.37
N ALA A 430 -1.93 -5.05 25.56
CA ALA A 430 -0.67 -4.40 25.87
C ALA A 430 -0.83 -2.88 25.89
N MET A 431 -1.57 -2.34 24.93
CA MET A 431 -1.83 -0.90 24.94
C MET A 431 -2.64 -0.50 26.16
N GLU A 432 -3.59 -1.35 26.57
CA GLU A 432 -4.41 -1.03 27.73
C GLU A 432 -3.57 -0.96 29.01
N GLN A 433 -2.58 -1.85 29.16
CA GLN A 433 -1.72 -1.77 30.32
C GLN A 433 -1.01 -0.43 30.39
N ALA A 434 -0.50 0.04 29.25
CA ALA A 434 0.10 1.37 29.20
C ALA A 434 -0.93 2.46 29.48
N TYR A 435 -2.16 2.26 29.01
CA TYR A 435 -3.21 3.25 29.24
C TYR A 435 -3.49 3.40 30.73
N LYS A 436 -3.58 2.28 31.46
CA LYS A 436 -3.77 2.35 32.91
C LYS A 436 -2.64 3.09 33.59
N MET A 437 -1.40 2.87 33.14
CA MET A 437 -0.26 3.59 33.70
C MET A 437 -0.39 5.08 33.44
N LYS A 438 -0.69 5.46 32.20
CA LYS A 438 -0.80 6.88 31.87
C LYS A 438 -1.92 7.56 32.66
N LYS A 439 -3.06 6.89 32.79
CA LYS A 439 -4.20 7.47 33.50
C LYS A 439 -4.09 7.29 35.01
N ALA A 440 -3.08 6.57 35.50
CA ALA A 440 -2.97 6.23 36.91
C ALA A 440 -4.30 5.71 37.44
N ASP A 441 -4.83 4.69 36.76
CA ASP A 441 -6.18 4.23 37.03
C ASP A 441 -6.29 2.80 36.49
N ASN A 442 -6.09 1.82 37.36
CA ASN A 442 -6.23 0.43 36.96
C ASN A 442 -7.66 0.04 36.59
N SER A 443 -8.61 0.96 36.74
CA SER A 443 -9.96 0.73 36.23
C SER A 443 -10.12 1.17 34.78
N ALA A 444 -9.22 2.00 34.27
CA ALA A 444 -9.29 2.43 32.88
C ALA A 444 -9.12 1.23 31.95
N ASN A 445 -9.82 1.26 30.82
CA ASN A 445 -9.75 0.15 29.89
C ASN A 445 -9.93 0.66 28.47
N LEU A 446 -9.53 -0.18 27.52
CA LEU A 446 -9.65 0.11 26.10
C LEU A 446 -10.64 -0.82 25.43
N ASN A 447 -11.65 -1.30 26.18
CA ASN A 447 -12.65 -2.20 25.59
C ASN A 447 -13.32 -1.55 24.39
N GLN A 448 -13.66 -0.27 24.50
CA GLN A 448 -14.32 0.43 23.40
C GLN A 448 -13.40 0.51 22.20
N TYR A 449 -12.08 0.55 22.41
CA TYR A 449 -11.17 0.71 21.29
C TYR A 449 -11.29 -0.46 20.32
N LEU A 450 -11.68 -1.64 20.80
CA LEU A 450 -11.75 -2.83 19.94
C LEU A 450 -12.75 -2.66 18.81
N LEU A 451 -13.70 -1.72 18.94
CA LEU A 451 -14.61 -1.48 17.84
C LEU A 451 -13.90 -0.98 16.59
N TRP A 452 -12.72 -0.36 16.73
CA TRP A 452 -11.95 -0.04 15.54
C TRP A 452 -11.58 -1.27 14.73
N PHE A 453 -11.53 -2.45 15.35
CA PHE A 453 -11.18 -3.64 14.59
C PHE A 453 -12.39 -4.29 13.93
N SER A 454 -13.59 -4.10 14.49
CA SER A 454 -14.77 -4.81 14.02
C SER A 454 -15.76 -3.95 13.23
N GLN A 455 -15.74 -2.62 13.42
CA GLN A 455 -16.73 -1.79 12.77
C GLN A 455 -16.20 -1.27 11.44
N SER A 456 -16.95 -1.49 10.37
CA SER A 456 -16.59 -0.99 9.05
C SER A 456 -17.14 0.42 8.85
N GLY A 457 -16.63 1.07 7.81
CA GLY A 457 -17.10 2.40 7.44
C GLY A 457 -16.26 3.50 8.06
N THR A 458 -16.34 4.69 7.43
CA THR A 458 -15.57 5.86 7.88
C THR A 458 -16.43 6.72 8.80
N PRO A 459 -16.02 6.98 10.04
CA PRO A 459 -16.83 7.88 10.88
C PRO A 459 -16.79 9.29 10.32
N HIS A 460 -17.90 10.00 10.52
CA HIS A 460 -18.01 11.43 10.23
C HIS A 460 -17.99 12.19 11.55
N VAL A 461 -17.10 13.18 11.66
CA VAL A 461 -17.00 13.97 12.88
C VAL A 461 -17.26 15.43 12.54
N SER A 462 -18.25 16.04 13.21
CA SER A 462 -18.67 17.39 12.91
C SER A 462 -18.64 18.24 14.18
N PHE A 463 -18.62 19.56 14.00
CA PHE A 463 -18.33 20.47 15.09
C PHE A 463 -19.29 21.65 15.12
N LYS A 464 -19.52 22.16 16.31
CA LYS A 464 -20.15 23.46 16.53
C LYS A 464 -19.38 24.17 17.63
N TYR A 465 -19.36 25.49 17.58
CA TYR A 465 -18.53 26.25 18.51
C TYR A 465 -19.35 27.29 19.24
N ASN A 466 -18.85 27.66 20.41
CA ASN A 466 -19.43 28.78 21.13
C ASN A 466 -18.33 29.50 21.90
N TYR A 467 -18.38 30.83 21.87
CA TYR A 467 -17.44 31.66 22.60
C TYR A 467 -18.19 32.73 23.37
N ASP A 468 -17.95 32.79 24.67
CA ASP A 468 -18.50 33.86 25.51
C ASP A 468 -17.35 34.81 25.83
N ALA A 469 -17.42 36.01 25.25
CA ALA A 469 -16.32 36.96 25.38
C ALA A 469 -16.19 37.47 26.81
N GLU A 470 -17.31 37.60 27.52
CA GLU A 470 -17.25 38.08 28.90
C GLU A 470 -16.65 37.02 29.83
N LYS A 471 -17.04 35.76 29.65
CA LYS A 471 -16.53 34.68 30.48
C LYS A 471 -15.16 34.18 30.02
N LYS A 472 -14.69 34.58 28.84
CA LYS A 472 -13.48 34.03 28.25
C LYS A 472 -13.57 32.51 28.17
N GLN A 473 -14.73 32.01 27.75
CA GLN A 473 -15.01 30.57 27.77
C GLN A 473 -15.34 30.09 26.36
N TYR A 474 -14.64 29.05 25.92
CA TYR A 474 -14.78 28.52 24.57
C TYR A 474 -15.25 27.09 24.64
N SER A 475 -16.20 26.73 23.76
CA SER A 475 -16.75 25.38 23.72
C SER A 475 -16.63 24.80 22.32
N ILE A 476 -16.20 23.54 22.25
CA ILE A 476 -16.21 22.74 21.03
C ILE A 476 -17.20 21.60 21.23
N HIS A 477 -18.34 21.66 20.53
CA HIS A 477 -19.28 20.55 20.57
CA HIS A 477 -19.31 20.58 20.56
C HIS A 477 -19.02 19.64 19.39
N VAL A 478 -18.81 18.36 19.67
CA VAL A 478 -18.37 17.40 18.67
C VAL A 478 -19.38 16.26 18.61
N ASN A 479 -19.66 15.78 17.40
CA ASN A 479 -20.44 14.57 17.30
C ASN A 479 -19.82 13.66 16.26
N GLN A 480 -20.05 12.35 16.44
CA GLN A 480 -19.59 11.35 15.50
C GLN A 480 -20.78 10.50 15.02
N TYR A 481 -20.63 10.00 13.79
CA TYR A 481 -21.67 9.23 13.14
C TYR A 481 -20.99 8.34 12.11
N THR A 482 -21.30 7.06 12.11
CA THR A 482 -20.89 6.17 11.02
C THR A 482 -22.16 5.69 10.32
N LYS A 483 -22.17 5.80 9.00
CA LYS A 483 -23.35 5.39 8.25
C LYS A 483 -23.52 3.87 8.36
N PRO A 484 -24.72 3.38 8.64
CA PRO A 484 -24.95 1.93 8.60
C PRO A 484 -24.57 1.35 7.24
N ASP A 485 -24.17 0.09 7.24
CA ASP A 485 -23.78 -0.55 5.98
C ASP A 485 -24.13 -2.03 6.08
N GLU A 486 -23.57 -2.84 5.18
CA GLU A 486 -23.95 -4.25 5.17
C GLU A 486 -23.33 -5.05 6.31
N ASN A 487 -22.35 -4.48 7.03
CA ASN A 487 -21.67 -5.18 8.12
C ASN A 487 -22.29 -4.90 9.50
N GLN A 488 -22.77 -3.68 9.75
CA GLN A 488 -23.48 -3.33 10.98
C GLN A 488 -24.67 -2.45 10.64
N LYS A 489 -25.86 -2.91 11.00
CA LYS A 489 -27.07 -2.08 10.87
C LYS A 489 -27.04 -0.92 11.85
N GLU A 490 -26.51 -1.14 13.04
CA GLU A 490 -26.36 -0.10 14.05
C GLU A 490 -24.88 0.08 14.32
N LYS A 491 -24.41 1.31 14.18
CA LYS A 491 -23.00 1.62 14.36
C LYS A 491 -22.80 2.22 15.76
N LYS A 492 -21.75 1.79 16.43
CA LYS A 492 -21.56 2.30 17.80
C LYS A 492 -20.56 3.44 17.80
N PRO A 493 -20.62 4.35 18.78
CA PRO A 493 -19.58 5.38 18.87
C PRO A 493 -18.21 4.76 19.14
N LEU A 494 -17.19 5.35 18.52
CA LEU A 494 -15.82 4.88 18.66
C LEU A 494 -15.06 5.78 19.63
N PHE A 495 -13.89 5.29 20.06
CA PHE A 495 -12.93 6.08 20.81
C PHE A 495 -12.12 6.89 19.79
N ILE A 496 -12.44 8.18 19.65
CA ILE A 496 -11.84 9.02 18.61
C ILE A 496 -10.94 10.05 19.30
N PRO A 497 -9.62 9.98 19.11
CA PRO A 497 -8.75 11.01 19.68
C PRO A 497 -8.65 12.21 18.72
N ILE A 498 -8.92 13.39 19.24
CA ILE A 498 -8.95 14.61 18.42
C ILE A 498 -7.84 15.53 18.90
N SER A 499 -6.70 15.50 18.21
CA SER A 499 -5.60 16.40 18.51
CA SER A 499 -5.61 16.41 18.53
C SER A 499 -5.98 17.81 18.07
N VAL A 500 -5.93 18.77 19.00
CA VAL A 500 -6.49 20.09 18.74
CA VAL A 500 -6.49 20.09 18.75
C VAL A 500 -5.52 21.18 19.17
N GLY A 501 -5.54 22.28 18.42
CA GLY A 501 -4.95 23.52 18.85
C GLY A 501 -6.00 24.62 18.71
N LEU A 502 -5.71 25.75 19.34
CA LEU A 502 -6.56 26.94 19.24
C LEU A 502 -5.69 28.09 18.77
N ILE A 503 -5.98 28.63 17.59
CA ILE A 503 -5.17 29.69 16.99
C ILE A 503 -5.79 31.04 17.30
N ASN A 504 -4.97 31.95 17.82
CA ASN A 504 -5.38 33.34 18.00
C ASN A 504 -5.42 34.01 16.63
N PRO A 505 -6.59 34.45 16.14
CA PRO A 505 -6.65 34.97 14.78
C PRO A 505 -5.95 36.31 14.60
N GLU A 506 -5.61 37.00 15.68
CA GLU A 506 -4.96 38.29 15.51
C GLU A 506 -3.45 38.19 15.33
N ASN A 507 -2.82 37.16 15.90
CA ASN A 507 -1.38 37.03 15.77
C ASN A 507 -0.93 35.64 15.33
N GLY A 508 -1.85 34.71 15.11
CA GLY A 508 -1.50 33.40 14.63
C GLY A 508 -0.90 32.47 15.66
N LYS A 509 -0.91 32.84 16.94
CA LYS A 509 -0.18 32.05 17.93
C LYS A 509 -1.08 30.99 18.58
N GLU A 510 -0.43 29.97 19.16
CA GLU A 510 -1.12 28.94 19.91
C GLU A 510 -1.71 29.52 21.18
N MET A 511 -2.96 29.15 21.48
CA MET A 511 -3.59 29.64 22.71
C MET A 511 -3.66 28.61 23.83
N ILE A 512 -3.47 27.32 23.53
CA ILE A 512 -3.40 26.29 24.57
C ILE A 512 -2.24 25.36 24.29
N SER A 513 -1.87 24.59 25.31
CA SER A 513 -0.86 23.54 25.14
C SER A 513 -1.43 22.39 24.32
N GLN A 514 -0.54 21.50 23.88
CA GLN A 514 -0.93 20.30 23.14
C GLN A 514 -2.06 19.58 23.86
N THR A 515 -3.13 19.30 23.13
CA THR A 515 -4.32 18.73 23.75
C THR A 515 -4.93 17.70 22.80
N THR A 516 -5.25 16.54 23.34
CA THR A 516 -5.92 15.47 22.59
C THR A 516 -7.25 15.19 23.26
N LEU A 517 -8.33 15.62 22.63
CA LEU A 517 -9.67 15.35 23.15
C LEU A 517 -10.00 13.89 22.95
N GLU A 518 -10.55 13.24 23.97
CA GLU A 518 -10.92 11.83 23.89
C GLU A 518 -12.44 11.77 23.74
N LEU A 519 -12.90 11.67 22.50
CA LEU A 519 -14.33 11.57 22.24
C LEU A 519 -14.72 10.10 22.30
N THR A 520 -15.55 9.74 23.28
CA THR A 520 -15.94 8.35 23.45
C THR A 520 -17.45 8.14 23.34
N LYS A 521 -18.22 9.21 23.18
CA LYS A 521 -19.67 9.13 23.06
C LYS A 521 -20.10 9.61 21.68
N GLU A 522 -21.40 9.46 21.38
CA GLU A 522 -21.88 9.95 20.09
C GLU A 522 -21.66 11.46 19.96
N SER A 523 -21.68 12.17 21.10
CA SER A 523 -21.38 13.60 21.08
C SER A 523 -20.87 13.99 22.46
N ASP A 524 -20.10 15.08 22.47
CA ASP A 524 -19.58 15.61 23.74
C ASP A 524 -19.27 17.09 23.53
N THR A 525 -19.26 17.83 24.63
CA THR A 525 -18.89 19.24 24.60
C THR A 525 -17.62 19.43 25.42
N PHE A 526 -16.57 19.96 24.78
CA PHE A 526 -15.30 20.24 25.43
C PHE A 526 -15.17 21.74 25.64
N VAL A 527 -15.06 22.15 26.90
CA VAL A 527 -15.06 23.56 27.29
C VAL A 527 -13.66 23.96 27.72
N PHE A 528 -13.25 25.18 27.34
CA PHE A 528 -11.96 25.75 27.69
C PHE A 528 -12.16 27.10 28.35
N ASN A 529 -11.58 27.28 29.53
CA ASN A 529 -11.63 28.55 30.24
C ASN A 529 -10.39 29.37 29.94
N ASN A 530 -10.45 30.66 30.31
CA ASN A 530 -9.33 31.58 30.14
C ASN A 530 -8.87 31.63 28.69
N ILE A 531 -9.84 31.73 27.78
CA ILE A 531 -9.57 31.90 26.35
C ILE A 531 -9.85 33.36 26.03
N ALA A 532 -8.77 34.15 25.83
CA ALA A 532 -8.90 35.60 25.89
C ALA A 532 -9.62 36.21 24.70
N VAL A 533 -9.67 35.48 23.58
CA VAL A 533 -10.28 35.98 22.35
C VAL A 533 -10.84 34.75 21.64
N LYS A 534 -11.81 34.97 20.76
CA LYS A 534 -12.43 33.86 20.05
C LYS A 534 -11.41 33.20 19.13
N PRO A 535 -11.09 31.92 19.32
CA PRO A 535 -10.04 31.29 18.52
C PRO A 535 -10.59 30.79 17.19
N ILE A 536 -9.67 30.40 16.32
CA ILE A 536 -9.98 29.50 15.22
C ILE A 536 -9.46 28.13 15.63
N PRO A 537 -10.29 27.11 15.72
CA PRO A 537 -9.80 25.79 16.14
C PRO A 537 -9.04 25.08 15.02
N SER A 538 -7.96 24.42 15.42
CA SER A 538 -7.10 23.62 14.56
C SER A 538 -7.38 22.15 14.93
N LEU A 539 -8.19 21.48 14.11
CA LEU A 539 -8.82 20.22 14.48
C LEU A 539 -8.19 19.02 13.77
N PHE A 540 -7.98 17.95 14.55
CA PHE A 540 -7.41 16.69 14.06
C PHE A 540 -5.99 16.89 13.54
N ARG A 541 -5.18 17.65 14.30
CA ARG A 541 -3.79 17.87 13.94
C ARG A 541 -3.07 16.56 13.68
N GLY A 542 -2.26 16.54 12.62
CA GLY A 542 -1.61 15.34 12.15
C GLY A 542 -2.53 14.29 11.56
N PHE A 543 -3.79 14.65 11.31
CA PHE A 543 -4.88 13.73 10.97
C PHE A 543 -4.99 12.63 12.03
N SER A 544 -5.51 13.03 13.19
CA SER A 544 -5.36 12.19 14.37
C SER A 544 -6.38 11.06 14.46
N ALA A 545 -7.33 10.97 13.54
CA ALA A 545 -8.21 9.80 13.47
C ALA A 545 -8.66 9.64 12.03
N PRO A 546 -8.90 8.39 11.57
CA PRO A 546 -9.27 8.17 10.16
C PRO A 546 -10.76 8.41 9.94
N VAL A 547 -11.13 9.68 9.77
CA VAL A 547 -12.52 10.11 9.76
C VAL A 547 -12.72 11.18 8.69
N TYR A 548 -13.99 11.37 8.32
CA TYR A 548 -14.42 12.55 7.57
C TYR A 548 -14.54 13.72 8.54
N ILE A 549 -13.78 14.78 8.30
CA ILE A 549 -13.77 15.94 9.18
C ILE A 549 -14.69 16.98 8.57
N GLU A 550 -15.68 17.43 9.33
CA GLU A 550 -16.56 18.51 8.90
C GLU A 550 -16.27 19.66 9.88
N ASP A 551 -15.36 20.56 9.49
CA ASP A 551 -14.83 21.56 10.43
C ASP A 551 -15.79 22.73 10.67
N GLN A 552 -16.81 22.91 9.82
CA GLN A 552 -17.81 23.96 9.98
C GLN A 552 -17.16 25.35 10.10
N LEU A 553 -16.02 25.53 9.45
CA LEU A 553 -15.35 26.83 9.43
C LEU A 553 -15.69 27.59 8.16
N THR A 554 -15.65 28.91 8.24
CA THR A 554 -15.82 29.71 7.03
C THR A 554 -14.55 29.63 6.20
N ASP A 555 -14.65 30.08 4.95
CA ASP A 555 -13.43 30.09 4.14
C ASP A 555 -12.43 31.11 4.65
N GLU A 556 -12.90 32.23 5.24
CA GLU A 556 -11.99 33.19 5.87
C GLU A 556 -11.18 32.53 6.97
N GLU A 557 -11.83 31.72 7.82
CA GLU A 557 -11.12 31.01 8.89
C GLU A 557 -10.16 29.98 8.33
N ARG A 558 -10.59 29.24 7.30
CA ARG A 558 -9.72 28.25 6.68
C ARG A 558 -8.47 28.89 6.09
N ILE A 559 -8.65 30.05 5.42
CA ILE A 559 -7.50 30.77 4.88
C ILE A 559 -6.53 31.17 6.00
N LEU A 560 -7.07 31.60 7.14
CA LEU A 560 -6.18 31.99 8.24
C LEU A 560 -5.37 30.80 8.73
N LEU A 561 -6.01 29.62 8.83
CA LEU A 561 -5.27 28.43 9.23
C LEU A 561 -4.25 28.05 8.16
N LEU A 562 -4.66 28.08 6.90
CA LEU A 562 -3.73 27.76 5.81
C LEU A 562 -2.47 28.62 5.89
N LYS A 563 -2.63 29.91 6.20
CA LYS A 563 -1.46 30.78 6.25
C LYS A 563 -0.66 30.62 7.54
N TYR A 564 -1.33 30.47 8.69
CA TYR A 564 -0.71 30.71 9.99
C TYR A 564 -0.75 29.56 10.99
N ASP A 565 -1.48 28.49 10.74
CA ASP A 565 -1.51 27.38 11.68
C ASP A 565 -0.13 26.71 11.73
N SER A 566 0.13 26.01 12.83
CA SER A 566 1.40 25.32 13.03
C SER A 566 1.40 23.89 12.52
N ASP A 567 0.24 23.31 12.24
CA ASP A 567 0.15 21.90 11.89
C ASP A 567 0.00 21.75 10.38
N ALA A 568 0.91 21.01 9.76
CA ALA A 568 0.88 20.85 8.31
C ALA A 568 -0.42 20.20 7.83
N PHE A 569 -0.90 19.15 8.52
CA PHE A 569 -2.14 18.54 8.05
C PHE A 569 -3.30 19.54 8.09
N VAL A 570 -3.48 20.25 9.21
CA VAL A 570 -4.63 21.15 9.28
C VAL A 570 -4.52 22.24 8.21
N ARG A 571 -3.31 22.71 7.93
CA ARG A 571 -3.16 23.70 6.85
C ARG A 571 -3.60 23.10 5.52
N TYR A 572 -3.07 21.92 5.20
CA TYR A 572 -3.42 21.16 4.00
C TYR A 572 -4.90 20.83 3.95
N ASN A 573 -5.48 20.44 5.09
CA ASN A 573 -6.90 20.10 5.10
C ASN A 573 -7.77 21.34 4.91
N SER A 574 -7.33 22.46 5.49
CA SER A 574 -8.11 23.68 5.33
C SER A 574 -8.14 24.08 3.86
N CYS A 575 -7.01 23.96 3.18
CA CYS A 575 -6.97 24.20 1.73
C CYS A 575 -7.87 23.22 0.98
N THR A 576 -7.77 21.93 1.33
CA THR A 576 -8.64 20.91 0.74
C THR A 576 -10.10 21.27 0.90
N ASN A 577 -10.48 21.76 2.08
CA ASN A 577 -11.88 22.06 2.36
C ASN A 577 -12.35 23.26 1.55
N ILE A 578 -11.49 24.29 1.40
CA ILE A 578 -11.82 25.43 0.53
C ILE A 578 -12.03 24.95 -0.89
N TYR A 579 -11.13 24.11 -1.40
CA TYR A 579 -11.29 23.57 -2.74
C TYR A 579 -12.59 22.78 -2.86
N MET A 580 -12.89 21.92 -1.87
CA MET A 580 -14.07 21.09 -1.99
C MET A 580 -15.34 21.92 -2.03
N LYS A 581 -15.41 22.99 -1.24
CA LYS A 581 -16.59 23.86 -1.28
C LYS A 581 -16.78 24.46 -2.67
N GLN A 582 -15.68 24.90 -3.27
CA GLN A 582 -15.72 25.45 -4.63
C GLN A 582 -16.12 24.39 -5.64
N ILE A 583 -15.52 23.19 -5.53
CA ILE A 583 -15.81 22.11 -6.49
C ILE A 583 -17.28 21.74 -6.46
N LEU A 584 -17.84 21.57 -5.25
CA LEU A 584 -19.24 21.18 -5.16
C LEU A 584 -20.15 22.26 -5.71
N MET A 585 -19.81 23.52 -5.47
CA MET A 585 -20.63 24.63 -5.96
CA MET A 585 -20.64 24.62 -5.96
C MET A 585 -20.60 24.68 -7.49
N ASN A 586 -19.39 24.72 -8.07
CA ASN A 586 -19.29 24.79 -9.52
C ASN A 586 -19.82 23.53 -10.18
N TYR A 587 -19.58 22.37 -9.56
CA TYR A 587 -20.14 21.14 -10.12
C TYR A 587 -21.66 21.25 -10.26
N ASN A 588 -22.33 21.74 -9.21
CA ASN A 588 -23.78 21.85 -9.27
CA ASN A 588 -23.78 21.84 -9.29
C ASN A 588 -24.22 22.86 -10.33
N GLU A 589 -23.46 23.94 -10.50
CA GLU A 589 -23.80 24.95 -11.49
C GLU A 589 -23.65 24.39 -12.91
N PHE A 590 -22.54 23.70 -13.18
CA PHE A 590 -22.37 23.03 -14.48
C PHE A 590 -23.43 21.95 -14.69
N LEU A 591 -23.73 21.17 -13.65
CA LEU A 591 -24.73 20.11 -13.77
C LEU A 591 -26.09 20.68 -14.13
N LYS A 592 -26.49 21.76 -13.45
CA LYS A 592 -27.78 22.39 -13.74
C LYS A 592 -27.83 22.90 -15.17
N ALA A 593 -26.73 23.50 -15.64
CA ALA A 593 -26.69 24.00 -17.02
C ALA A 593 -26.83 22.86 -18.02
N LYS A 594 -26.16 21.73 -17.75
CA LYS A 594 -26.29 20.54 -18.60
C LYS A 594 -27.70 20.00 -18.57
N ASN A 595 -28.27 19.85 -17.37
CA ASN A 595 -29.60 19.24 -17.22
C ASN A 595 -30.68 20.10 -17.85
N GLU A 596 -30.62 21.41 -17.63
CA GLU A 596 -31.64 22.30 -18.14
C GLU A 596 -31.34 22.80 -19.54
N LYS A 597 -30.23 22.37 -20.13
CA LYS A 597 -29.84 22.76 -21.49
C LYS A 597 -29.81 24.28 -21.63
N LEU A 598 -29.09 24.93 -20.71
CA LEU A 598 -29.08 26.39 -20.67
C LEU A 598 -28.21 26.96 -21.78
N GLU A 599 -28.70 28.05 -22.38
CA GLU A 599 -27.93 28.80 -23.37
C GLU A 599 -26.93 29.75 -22.73
N SER A 600 -27.17 30.16 -21.48
CA SER A 600 -26.23 30.97 -20.72
C SER A 600 -26.46 30.67 -19.25
N PHE A 601 -25.42 30.88 -18.45
CA PHE A 601 -25.50 30.63 -17.01
C PHE A 601 -24.27 31.26 -16.37
N GLN A 602 -24.26 31.26 -15.04
CA GLN A 602 -23.16 31.83 -14.29
C GLN A 602 -22.44 30.76 -13.48
N LEU A 603 -21.13 30.96 -13.34
CA LEU A 603 -20.30 30.15 -12.46
C LEU A 603 -19.80 31.03 -11.33
N THR A 604 -19.81 30.49 -10.12
CA THR A 604 -19.29 31.25 -8.98
C THR A 604 -17.76 31.25 -9.01
N PRO A 605 -17.11 32.40 -9.04
CA PRO A 605 -15.65 32.41 -9.15
C PRO A 605 -14.97 31.87 -7.90
N VAL A 606 -13.70 31.50 -8.09
CA VAL A 606 -12.85 31.08 -6.96
C VAL A 606 -12.67 32.28 -6.03
N ASN A 607 -12.71 32.00 -4.73
CA ASN A 607 -12.51 33.03 -3.71
C ASN A 607 -11.19 33.78 -3.93
N ALA A 608 -11.26 35.10 -4.08
CA ALA A 608 -10.04 35.86 -4.39
C ALA A 608 -9.06 35.88 -3.23
N GLN A 609 -9.55 35.85 -1.99
CA GLN A 609 -8.64 35.84 -0.84
C GLN A 609 -7.92 34.51 -0.74
N PHE A 610 -8.59 33.43 -1.17
CA PHE A 610 -7.93 32.12 -1.25
C PHE A 610 -6.80 32.15 -2.26
N ILE A 611 -7.05 32.71 -3.45
CA ILE A 611 -5.99 32.83 -4.46
C ILE A 611 -4.84 33.68 -3.90
N ASP A 612 -5.18 34.79 -3.23
CA ASP A 612 -4.15 35.62 -2.60
C ASP A 612 -3.32 34.82 -1.59
N ALA A 613 -3.96 33.94 -0.83
CA ALA A 613 -3.23 33.15 0.16
C ALA A 613 -2.31 32.13 -0.49
N ILE A 614 -2.77 31.49 -1.57
CA ILE A 614 -1.88 30.61 -2.34
C ILE A 614 -0.64 31.39 -2.81
N LYS A 615 -0.84 32.59 -3.36
CA LYS A 615 0.28 33.39 -3.84
C LYS A 615 1.23 33.72 -2.70
N TYR A 616 0.66 34.07 -1.54
CA TYR A 616 1.45 34.40 -0.36
C TYR A 616 2.35 33.25 0.06
N LEU A 617 1.80 32.03 0.09
CA LEU A 617 2.60 30.87 0.47
C LEU A 617 3.60 30.52 -0.61
N LEU A 618 3.20 30.60 -1.89
CA LEU A 618 4.14 30.31 -2.97
C LEU A 618 5.34 31.25 -2.92
N GLU A 619 5.10 32.52 -2.61
CA GLU A 619 6.17 33.50 -2.63
C GLU A 619 6.99 33.51 -1.34
N ASP A 620 6.61 32.70 -0.35
CA ASP A 620 7.38 32.64 0.88
C ASP A 620 8.62 31.79 0.69
N PRO A 621 9.82 32.38 0.73
CA PRO A 621 11.03 31.58 0.48
C PRO A 621 11.31 30.58 1.57
N HIS A 622 10.75 30.75 2.76
CA HIS A 622 10.97 29.82 3.86
C HIS A 622 9.93 28.70 3.89
N ALA A 623 8.93 28.75 3.02
CA ALA A 623 7.91 27.72 2.99
C ALA A 623 8.41 26.50 2.21
N ASP A 624 7.77 25.37 2.48
CA ASP A 624 8.24 24.07 1.99
C ASP A 624 7.75 23.78 0.57
N ALA A 625 8.68 23.37 -0.30
CA ALA A 625 8.35 23.16 -1.70
C ALA A 625 7.32 22.04 -1.89
N GLY A 626 7.43 20.96 -1.13
CA GLY A 626 6.47 19.89 -1.27
C GLY A 626 5.07 20.32 -0.85
N PHE A 627 4.97 21.04 0.26
CA PHE A 627 3.69 21.60 0.69
C PHE A 627 3.11 22.52 -0.38
N LYS A 628 3.96 23.34 -0.99
CA LYS A 628 3.51 24.23 -2.07
C LYS A 628 2.88 23.44 -3.20
N SER A 629 3.47 22.29 -3.56
CA SER A 629 2.91 21.53 -4.67
CA SER A 629 2.92 21.50 -4.66
C SER A 629 1.52 20.99 -4.33
N TYR A 630 1.24 20.73 -3.05
CA TYR A 630 -0.09 20.27 -2.67
C TYR A 630 -1.11 21.40 -2.76
N ILE A 631 -0.74 22.62 -2.39
CA ILE A 631 -1.75 23.68 -2.33
C ILE A 631 -2.19 24.12 -3.72
N VAL A 632 -1.36 23.96 -4.75
CA VAL A 632 -1.78 24.32 -6.12
C VAL A 632 -2.44 23.16 -6.85
N SER A 633 -2.62 22.01 -6.19
CA SER A 633 -3.24 20.84 -6.77
C SER A 633 -4.63 20.65 -6.17
N LEU A 634 -5.64 20.46 -7.01
CA LEU A 634 -6.97 20.16 -6.49
C LEU A 634 -6.98 18.77 -5.84
N PRO A 635 -7.95 18.52 -4.94
CA PRO A 635 -8.07 17.19 -4.34
C PRO A 635 -8.24 16.12 -5.41
N GLN A 636 -7.72 14.93 -5.09
CA GLN A 636 -7.85 13.77 -5.96
C GLN A 636 -9.29 13.50 -6.33
N ASP A 637 -9.48 13.05 -7.57
CA ASP A 637 -10.82 12.69 -8.03
C ASP A 637 -11.47 11.66 -7.10
N ARG A 638 -10.70 10.67 -6.65
CA ARG A 638 -11.26 9.65 -5.79
C ARG A 638 -11.55 10.16 -4.38
N TYR A 639 -10.96 11.29 -3.99
CA TYR A 639 -11.41 11.96 -2.78
C TYR A 639 -12.72 12.69 -3.02
N ILE A 640 -12.78 13.43 -4.14
CA ILE A 640 -13.98 14.21 -4.47
C ILE A 640 -15.20 13.31 -4.56
N ILE A 641 -15.05 12.10 -5.12
CA ILE A 641 -16.24 11.29 -5.42
C ILE A 641 -16.96 10.86 -4.15
N ASN A 642 -16.28 10.83 -3.01
CA ASN A 642 -16.99 10.50 -1.77
C ASN A 642 -17.99 11.56 -1.35
N PHE A 643 -18.04 12.70 -2.04
CA PHE A 643 -18.90 13.79 -1.63
C PHE A 643 -20.00 14.12 -2.64
N VAL A 644 -20.13 13.34 -3.71
CA VAL A 644 -21.08 13.63 -4.77
C VAL A 644 -21.85 12.34 -5.10
N SER A 645 -23.18 12.41 -5.06
CA SER A 645 -24.00 11.32 -5.55
C SER A 645 -24.13 11.39 -7.06
N ASN A 646 -24.18 10.22 -7.70
CA ASN A 646 -24.42 10.14 -9.14
C ASN A 646 -23.45 11.03 -9.91
N LEU A 647 -22.16 10.92 -9.57
CA LEU A 647 -21.15 11.82 -10.10
C LEU A 647 -21.03 11.69 -11.61
N ASP A 648 -21.31 12.79 -12.31
CA ASP A 648 -21.09 12.89 -13.76
C ASP A 648 -19.64 13.30 -13.96
N THR A 649 -18.82 12.38 -14.51
CA THR A 649 -17.39 12.61 -14.60
C THR A 649 -17.05 13.72 -15.57
N ASP A 650 -17.87 13.92 -16.60
CA ASP A 650 -17.67 15.02 -17.55
CA ASP A 650 -17.62 15.00 -17.53
C ASP A 650 -17.88 16.35 -16.87
N VAL A 651 -18.94 16.44 -16.06
CA VAL A 651 -19.21 17.67 -15.33
C VAL A 651 -18.09 17.94 -14.33
N LEU A 652 -17.61 16.88 -13.67
CA LEU A 652 -16.49 17.09 -12.75
C LEU A 652 -15.24 17.54 -13.51
N ALA A 653 -14.99 16.97 -14.69
CA ALA A 653 -13.84 17.41 -15.47
C ALA A 653 -13.97 18.87 -15.86
N ASP A 654 -15.18 19.30 -16.27
CA ASP A 654 -15.39 20.72 -16.56
C ASP A 654 -15.20 21.57 -15.32
N THR A 655 -15.64 21.06 -14.16
CA THR A 655 -15.49 21.82 -12.92
C THR A 655 -14.02 22.04 -12.58
N LYS A 656 -13.23 20.96 -12.62
CA LYS A 656 -11.81 21.11 -12.32
C LYS A 656 -11.15 22.07 -13.31
N GLU A 657 -11.50 21.96 -14.59
CA GLU A 657 -10.91 22.83 -15.61
CA GLU A 657 -10.87 22.83 -15.58
C GLU A 657 -11.18 24.30 -15.30
N TYR A 658 -12.43 24.62 -14.95
CA TYR A 658 -12.76 26.01 -14.64
C TYR A 658 -11.96 26.51 -13.45
N ILE A 659 -11.84 25.68 -12.40
CA ILE A 659 -11.16 26.13 -11.19
C ILE A 659 -9.67 26.31 -11.43
N TYR A 660 -9.03 25.35 -12.11
CA TYR A 660 -7.62 25.52 -12.44
C TYR A 660 -7.41 26.76 -13.31
N LYS A 661 -8.34 27.04 -14.22
CA LYS A 661 -8.14 28.18 -15.12
C LYS A 661 -8.33 29.50 -14.38
N GLN A 662 -9.30 29.54 -13.45
CA GLN A 662 -9.50 30.71 -12.58
C GLN A 662 -8.22 31.06 -11.83
N ILE A 663 -7.59 30.06 -11.21
CA ILE A 663 -6.40 30.32 -10.40
C ILE A 663 -5.22 30.65 -11.30
N GLY A 664 -5.04 29.89 -12.38
CA GLY A 664 -3.97 30.18 -13.31
C GLY A 664 -4.07 31.57 -13.93
N ASP A 665 -5.29 32.00 -14.27
CA ASP A 665 -5.46 33.34 -14.82
C ASP A 665 -4.92 34.41 -13.89
N LYS A 666 -4.87 34.13 -12.59
CA LYS A 666 -4.28 35.06 -11.62
C LYS A 666 -2.82 34.76 -11.31
N LEU A 667 -2.39 33.49 -11.29
CA LEU A 667 -1.09 33.14 -10.72
C LEU A 667 -0.06 32.62 -11.72
N ASN A 668 -0.38 32.53 -13.01
CA ASN A 668 0.56 31.90 -13.95
C ASN A 668 1.92 32.61 -13.96
N ASP A 669 1.93 33.94 -13.86
CA ASP A 669 3.21 34.65 -13.84
C ASP A 669 4.01 34.29 -12.59
N VAL A 670 3.33 34.14 -11.45
CA VAL A 670 3.99 33.64 -10.25
C VAL A 670 4.54 32.23 -10.49
N TYR A 671 3.71 31.36 -11.08
CA TYR A 671 4.15 29.99 -11.36
C TYR A 671 5.39 29.98 -12.24
N TYR A 672 5.37 30.76 -13.33
CA TYR A 672 6.51 30.75 -14.24
C TYR A 672 7.76 31.25 -13.55
N LYS A 673 7.64 32.34 -12.80
CA LYS A 673 8.79 32.92 -12.10
C LYS A 673 9.41 31.90 -11.15
N MET A 674 8.57 31.13 -10.45
CA MET A 674 9.09 30.13 -9.53
C MET A 674 9.69 28.95 -10.28
N PHE A 675 9.05 28.51 -11.36
CA PHE A 675 9.61 27.43 -12.15
C PHE A 675 11.04 27.76 -12.56
N LYS A 676 11.29 29.01 -12.94
CA LYS A 676 12.63 29.40 -13.33
C LYS A 676 13.56 29.54 -12.12
N SER A 677 13.06 30.10 -11.01
CA SER A 677 13.96 30.38 -9.89
C SER A 677 14.32 29.12 -9.12
N LEU A 678 13.45 28.10 -9.17
CA LEU A 678 13.72 26.82 -8.51
C LEU A 678 14.76 25.98 -9.24
N GLU A 679 15.12 26.31 -10.49
CA GLU A 679 15.88 25.38 -11.32
C GLU A 679 17.22 25.03 -10.68
N ALA A 680 17.95 26.05 -10.22
CA ALA A 680 19.32 25.81 -9.76
C ALA A 680 19.36 24.78 -8.64
N LYS A 681 18.55 24.97 -7.58
CA LYS A 681 18.57 24.01 -6.48
C LYS A 681 17.85 22.71 -6.83
N ALA A 682 16.76 22.78 -7.59
CA ALA A 682 16.00 21.57 -7.87
C ALA A 682 16.79 20.57 -8.69
N ASP A 683 17.57 21.06 -9.67
CA ASP A 683 18.22 20.20 -10.65
C ASP A 683 19.72 20.08 -10.41
N ASP A 684 20.17 20.44 -9.20
CA ASP A 684 21.60 20.39 -8.88
C ASP A 684 22.14 18.99 -9.12
N LEU A 685 23.25 18.91 -9.86
CA LEU A 685 23.84 17.63 -10.23
C LEU A 685 25.02 17.21 -9.36
N THR A 686 25.31 17.96 -8.28
CA THR A 686 26.50 17.70 -7.49
C THR A 686 26.62 16.24 -7.09
N TYR A 687 25.51 15.62 -6.70
CA TYR A 687 25.51 14.26 -6.18
C TYR A 687 24.83 13.28 -7.13
N PHE A 688 24.75 13.62 -8.42
CA PHE A 688 24.05 12.76 -9.36
C PHE A 688 24.70 11.38 -9.44
N ASN A 689 26.01 11.29 -9.23
CA ASN A 689 26.73 10.03 -9.31
C ASN A 689 27.04 9.45 -7.94
N ASP A 690 26.40 9.94 -6.88
CA ASP A 690 26.50 9.36 -5.55
C ASP A 690 25.15 8.75 -5.21
N GLU A 691 25.06 7.41 -5.31
CA GLU A 691 23.81 6.72 -5.02
C GLU A 691 23.44 6.71 -3.55
N SER A 692 24.35 7.09 -2.66
CA SER A 692 24.05 7.08 -1.24
C SER A 692 23.46 8.40 -0.76
N HIS A 693 23.45 9.42 -1.60
CA HIS A 693 23.09 10.77 -1.22
C HIS A 693 21.70 11.06 -1.78
N VAL A 694 20.70 11.10 -0.90
CA VAL A 694 19.32 11.28 -1.31
C VAL A 694 18.75 12.46 -0.51
N ASP A 695 18.21 13.44 -1.23
CA ASP A 695 17.83 14.73 -0.66
C ASP A 695 16.34 14.89 -0.92
N PHE A 696 15.53 14.61 0.10
CA PHE A 696 14.09 14.60 -0.09
C PHE A 696 13.55 16.01 -0.30
N ASP A 697 14.21 17.02 0.29
CA ASP A 697 13.82 18.41 0.00
C ASP A 697 14.06 18.75 -1.47
N GLN A 698 15.20 18.34 -2.02
CA GLN A 698 15.49 18.63 -3.42
C GLN A 698 14.51 17.92 -4.34
N MET A 699 14.18 16.66 -4.03
CA MET A 699 13.17 15.97 -4.82
C MET A 699 11.82 16.68 -4.74
N ASN A 700 11.47 17.22 -3.57
CA ASN A 700 10.23 18.00 -3.44
C ASN A 700 10.29 19.28 -4.28
N MET A 701 11.47 19.88 -4.43
CA MET A 701 11.58 21.03 -5.31
C MET A 701 11.33 20.65 -6.76
N ARG A 702 11.80 19.47 -7.17
CA ARG A 702 11.49 19.01 -8.52
C ARG A 702 10.00 18.70 -8.66
N THR A 703 9.39 18.10 -7.65
CA THR A 703 7.93 17.90 -7.68
C THR A 703 7.21 19.22 -7.91
N LEU A 704 7.62 20.27 -7.19
CA LEU A 704 6.99 21.58 -7.37
C LEU A 704 7.22 22.10 -8.79
N ARG A 705 8.46 22.05 -9.27
CA ARG A 705 8.72 22.51 -10.64
C ARG A 705 7.88 21.75 -11.65
N ASN A 706 7.77 20.43 -11.48
CA ASN A 706 7.05 19.63 -12.46
C ASN A 706 5.55 19.82 -12.34
N THR A 707 5.06 20.15 -11.14
CA THR A 707 3.66 20.52 -10.97
C THR A 707 3.37 21.86 -11.63
N LEU A 708 4.23 22.84 -11.42
CA LEU A 708 4.02 24.15 -12.04
C LEU A 708 4.12 24.05 -13.55
N LEU A 709 5.08 23.25 -14.06
CA LEU A 709 5.20 23.09 -15.50
C LEU A 709 3.92 22.51 -16.10
N SER A 710 3.34 21.51 -15.44
CA SER A 710 2.06 20.96 -15.88
C SER A 710 0.98 22.04 -15.94
N LEU A 711 0.86 22.85 -14.88
CA LEU A 711 -0.15 23.91 -14.87
C LEU A 711 0.10 24.90 -16.00
N LEU A 712 1.36 25.29 -16.20
CA LEU A 712 1.67 26.27 -17.23
C LEU A 712 1.46 25.72 -18.63
N SER A 713 1.69 24.43 -18.84
CA SER A 713 1.53 23.85 -20.18
C SER A 713 0.07 23.73 -20.54
N LYS A 714 -0.74 23.22 -19.61
CA LYS A 714 -2.19 23.16 -19.84
C LYS A 714 -2.75 24.54 -20.13
N ALA A 715 -2.19 25.57 -19.48
CA ALA A 715 -2.65 26.94 -19.70
C ALA A 715 -2.14 27.54 -21.00
N GLN A 716 -1.26 26.84 -21.73
CA GLN A 716 -0.66 27.39 -22.94
C GLN A 716 0.01 28.73 -22.65
N TYR A 717 0.70 28.79 -21.52
CA TYR A 717 1.44 29.99 -21.14
C TYR A 717 2.40 30.36 -22.27
N PRO A 718 2.55 31.65 -22.58
CA PRO A 718 3.37 32.04 -23.73
C PRO A 718 4.75 31.42 -23.75
N ASN A 719 5.08 30.74 -24.85
CA ASN A 719 6.39 30.17 -25.13
C ASN A 719 6.81 29.12 -24.09
N ILE A 720 5.86 28.49 -23.39
CA ILE A 720 6.26 27.46 -22.44
C ILE A 720 6.82 26.23 -23.14
N LEU A 721 6.54 26.06 -24.44
CA LEU A 721 7.11 24.92 -25.16
C LEU A 721 8.64 24.96 -25.12
N ASN A 722 9.23 26.16 -25.13
CA ASN A 722 10.68 26.26 -25.00
C ASN A 722 11.17 25.64 -23.70
N GLU A 723 10.47 25.92 -22.59
CA GLU A 723 10.86 25.32 -21.33
C GLU A 723 10.68 23.80 -21.36
N ILE A 724 9.61 23.34 -22.01
CA ILE A 724 9.36 21.91 -22.10
C ILE A 724 10.49 21.21 -22.83
N ILE A 725 10.94 21.78 -23.95
CA ILE A 725 12.03 21.18 -24.72
C ILE A 725 13.31 21.13 -23.91
N GLU A 726 13.64 22.24 -23.23
CA GLU A 726 14.85 22.25 -22.40
C GLU A 726 14.73 21.27 -21.24
N HIS A 727 13.53 21.15 -20.67
CA HIS A 727 13.29 20.17 -19.61
C HIS A 727 13.57 18.75 -20.10
N SER A 728 13.26 18.47 -21.36
CA SER A 728 13.48 17.12 -21.89
C SER A 728 14.94 16.74 -21.93
N LYS A 729 15.85 17.71 -21.81
CA LYS A 729 17.28 17.47 -21.85
C LYS A 729 17.88 17.29 -20.47
N SER A 730 17.07 17.37 -19.42
CA SER A 730 17.57 17.22 -18.06
C SER A 730 18.02 15.78 -17.82
N PRO A 731 19.10 15.58 -17.04
CA PRO A 731 19.53 14.22 -16.69
C PRO A 731 18.56 13.46 -15.79
N TYR A 732 17.64 14.15 -15.10
CA TYR A 732 16.77 13.49 -14.12
C TYR A 732 15.54 12.90 -14.79
N PRO A 733 15.30 11.59 -14.70
CA PRO A 733 14.10 11.01 -15.32
C PRO A 733 12.79 11.65 -14.86
N SER A 734 12.67 12.07 -13.60
CA SER A 734 11.46 12.78 -13.21
C SER A 734 11.23 13.99 -14.11
N ASN A 735 12.30 14.70 -14.48
CA ASN A 735 12.16 15.87 -15.34
C ASN A 735 11.86 15.47 -16.78
N TRP A 736 12.66 14.57 -17.36
CA TRP A 736 12.43 14.32 -18.79
C TRP A 736 11.19 13.48 -19.05
N LEU A 737 10.73 12.66 -18.08
CA LEU A 737 9.41 12.04 -18.25
C LEU A 737 8.29 13.06 -18.06
N THR A 738 8.47 14.04 -17.18
CA THR A 738 7.50 15.13 -17.11
C THR A 738 7.40 15.87 -18.43
N SER A 739 8.54 16.07 -19.11
CA SER A 739 8.50 16.81 -20.37
C SER A 739 7.62 16.10 -21.38
N LEU A 740 7.63 14.77 -21.37
CA LEU A 740 6.73 14.00 -22.22
C LEU A 740 5.28 14.27 -21.85
N SER A 741 4.92 14.15 -20.57
CA SER A 741 3.52 14.31 -20.17
CA SER A 741 3.54 14.32 -20.13
C SER A 741 3.01 15.71 -20.49
N VAL A 742 3.78 16.74 -20.16
CA VAL A 742 3.27 18.10 -20.38
C VAL A 742 3.30 18.48 -21.85
N SER A 743 4.11 17.79 -22.67
CA SER A 743 4.07 18.09 -24.09
C SER A 743 2.82 17.55 -24.77
N ALA A 744 1.95 16.84 -24.04
CA ALA A 744 0.70 16.35 -24.62
C ALA A 744 -0.11 17.47 -25.25
N TYR A 745 0.00 18.68 -24.70
CA TYR A 745 -0.76 19.83 -25.19
C TYR A 745 -0.09 20.54 -26.36
N PHE A 746 0.93 19.95 -26.97
CA PHE A 746 1.67 20.61 -28.05
C PHE A 746 1.93 19.63 -29.18
N ASP A 747 2.31 20.20 -30.34
CA ASP A 747 2.60 19.40 -31.51
C ASP A 747 3.84 18.53 -31.34
N LYS A 748 4.67 18.79 -30.34
CA LYS A 748 5.91 18.07 -30.14
C LYS A 748 5.75 16.77 -29.36
N TYR A 749 4.52 16.39 -29.01
CA TYR A 749 4.33 15.23 -28.14
C TYR A 749 5.01 13.98 -28.69
N PHE A 750 4.77 13.65 -29.97
CA PHE A 750 5.32 12.39 -30.46
C PHE A 750 6.83 12.48 -30.70
N GLU A 751 7.36 13.68 -30.97
CA GLU A 751 8.81 13.86 -30.95
C GLU A 751 9.37 13.49 -29.58
N LEU A 752 8.77 14.00 -28.51
CA LEU A 752 9.26 13.66 -27.17
C LEU A 752 8.96 12.22 -26.80
N TYR A 753 7.84 11.68 -27.30
CA TYR A 753 7.53 10.26 -27.13
C TYR A 753 8.69 9.39 -27.61
N ASP A 754 9.17 9.64 -28.83
CA ASP A 754 10.27 8.84 -29.37
C ASP A 754 11.56 9.07 -28.61
N LYS A 755 11.86 10.34 -28.28
CA LYS A 755 13.09 10.66 -27.57
C LYS A 755 13.14 9.95 -26.22
N THR A 756 12.05 10.02 -25.46
CA THR A 756 12.04 9.43 -24.13
C THR A 756 11.93 7.91 -24.20
N TYR A 757 11.29 7.37 -25.25
CA TYR A 757 11.30 5.92 -25.42
C TYR A 757 12.72 5.42 -25.58
N LYS A 758 13.49 6.09 -26.42
CA LYS A 758 14.88 5.69 -26.65
C LYS A 758 15.70 5.77 -25.36
N LEU A 759 15.44 6.78 -24.53
CA LEU A 759 16.12 6.89 -23.24
C LEU A 759 15.71 5.79 -22.27
N SER A 760 14.50 5.23 -22.43
CA SER A 760 13.93 4.32 -21.45
C SER A 760 14.06 2.85 -21.79
N LYS A 761 14.24 2.51 -23.06
CA LYS A 761 13.95 1.15 -23.52
C LYS A 761 14.95 0.12 -23.03
N ASP A 762 16.14 0.52 -22.58
CA ASP A 762 17.17 -0.45 -22.23
C ASP A 762 17.28 -0.69 -20.74
N ASP A 763 16.37 -0.14 -19.94
CA ASP A 763 16.27 -0.45 -18.52
C ASP A 763 14.83 -0.88 -18.25
N GLU A 764 14.66 -2.10 -17.73
CA GLU A 764 13.34 -2.69 -17.62
C GLU A 764 12.40 -1.83 -16.78
N LEU A 765 12.91 -1.28 -15.67
CA LEU A 765 12.07 -0.52 -14.77
C LEU A 765 11.81 0.89 -15.31
N LEU A 766 12.82 1.50 -15.93
CA LEU A 766 12.62 2.80 -16.56
C LEU A 766 11.61 2.72 -17.70
N LEU A 767 11.66 1.63 -18.48
CA LEU A 767 10.67 1.46 -19.54
C LEU A 767 9.27 1.39 -18.96
N GLN A 768 9.11 0.74 -17.81
CA GLN A 768 7.80 0.71 -17.17
C GLN A 768 7.38 2.09 -16.70
N GLU A 769 8.32 2.91 -16.22
CA GLU A 769 7.97 4.29 -15.89
C GLU A 769 7.59 5.09 -17.13
N TRP A 770 8.26 4.83 -18.25
CA TRP A 770 7.88 5.44 -19.52
C TRP A 770 6.46 5.04 -19.91
N LEU A 771 6.15 3.74 -19.80
CA LEU A 771 4.79 3.27 -20.09
C LEU A 771 3.75 4.01 -19.27
N LYS A 772 4.00 4.15 -17.97
CA LYS A 772 3.06 4.87 -17.11
C LYS A 772 2.88 6.31 -17.58
N THR A 773 3.97 6.95 -17.99
CA THR A 773 3.91 8.34 -18.42
C THR A 773 3.06 8.49 -19.67
N VAL A 774 3.24 7.57 -20.63
CA VAL A 774 2.38 7.55 -21.81
C VAL A 774 0.94 7.29 -21.41
N SER A 775 0.71 6.26 -20.58
CA SER A 775 -0.64 5.88 -20.16
C SER A 775 -1.40 7.05 -19.55
N ARG A 776 -0.73 7.89 -18.76
CA ARG A 776 -1.41 8.99 -18.09
CA ARG A 776 -1.41 8.99 -18.09
C ARG A 776 -1.37 10.30 -18.88
N SER A 777 -0.84 10.28 -20.11
CA SER A 777 -0.76 11.49 -20.92
C SER A 777 -2.14 12.02 -21.27
N ASP A 778 -2.32 13.33 -21.14
CA ASP A 778 -3.62 13.95 -21.39
C ASP A 778 -3.76 14.19 -22.90
N ARG A 779 -4.06 13.11 -23.61
CA ARG A 779 -4.13 13.11 -25.06
C ARG A 779 -5.53 12.78 -25.54
N LYS A 780 -6.02 13.55 -26.52
CA LYS A 780 -7.31 13.23 -27.12
C LYS A 780 -7.25 11.91 -27.88
N ASP A 781 -6.07 11.53 -28.37
CA ASP A 781 -5.88 10.28 -29.09
C ASP A 781 -5.34 9.15 -28.19
N ILE A 782 -5.65 9.18 -26.89
CA ILE A 782 -5.08 8.21 -25.96
C ILE A 782 -5.48 6.78 -26.29
N TYR A 783 -6.68 6.56 -26.85
CA TYR A 783 -7.04 5.19 -27.19
C TYR A 783 -6.16 4.64 -28.32
N GLU A 784 -5.87 5.47 -29.32
CA GLU A 784 -4.94 5.04 -30.37
C GLU A 784 -3.55 4.82 -29.81
N ILE A 785 -3.13 5.66 -28.86
CA ILE A 785 -1.81 5.52 -28.26
C ILE A 785 -1.71 4.22 -27.49
N LEU A 786 -2.76 3.87 -26.74
CA LEU A 786 -2.76 2.61 -26.01
C LEU A 786 -2.65 1.42 -26.95
N LYS A 787 -3.35 1.47 -28.08
CA LYS A 787 -3.22 0.40 -29.06
C LYS A 787 -1.78 0.30 -29.55
N LYS A 788 -1.13 1.45 -29.77
CA LYS A 788 0.27 1.46 -30.18
C LYS A 788 1.17 0.82 -29.11
N LEU A 789 0.96 1.16 -27.84
CA LEU A 789 1.74 0.53 -26.77
C LEU A 789 1.51 -0.97 -26.76
N GLU A 790 0.27 -1.41 -26.98
CA GLU A 790 -0.03 -2.83 -26.97
C GLU A 790 0.74 -3.55 -28.07
N ASN A 791 0.75 -2.98 -29.27
CA ASN A 791 1.36 -3.65 -30.41
C ASN A 791 2.87 -3.55 -30.41
N GLU A 792 3.42 -2.44 -29.92
CA GLU A 792 4.85 -2.19 -30.10
C GLU A 792 5.69 -2.48 -28.88
N VAL A 793 5.13 -2.38 -27.66
CA VAL A 793 5.91 -2.50 -26.43
C VAL A 793 5.39 -3.61 -25.52
N LEU A 794 4.10 -3.57 -25.18
CA LEU A 794 3.57 -4.50 -24.18
C LEU A 794 3.46 -5.91 -24.72
N LYS A 795 2.80 -6.06 -25.87
CA LYS A 795 2.59 -7.35 -26.56
C LYS A 795 1.88 -8.29 -25.58
N ASP A 796 2.31 -9.56 -25.50
CA ASP A 796 1.68 -10.51 -24.59
C ASP A 796 2.54 -10.77 -23.35
N SER A 797 3.27 -9.76 -22.88
CA SER A 797 3.98 -9.88 -21.61
C SER A 797 3.03 -10.32 -20.50
N LYS A 798 3.51 -11.24 -19.67
CA LYS A 798 2.80 -11.63 -18.46
C LYS A 798 3.38 -10.98 -17.21
N ASN A 799 4.28 -10.02 -17.37
CA ASN A 799 4.89 -9.33 -16.23
C ASN A 799 3.88 -8.37 -15.63
N PRO A 800 3.44 -8.56 -14.37
CA PRO A 800 2.44 -7.64 -13.81
C PRO A 800 2.87 -6.18 -13.87
N ASN A 801 4.17 -5.89 -13.69
CA ASN A 801 4.60 -4.50 -13.78
C ASN A 801 4.33 -3.90 -15.16
N ASP A 802 4.49 -4.69 -16.23
CA ASP A 802 4.21 -4.17 -17.58
C ASP A 802 2.72 -3.90 -17.75
N ILE A 803 1.88 -4.85 -17.37
CA ILE A 803 0.43 -4.71 -17.56
C ILE A 803 -0.11 -3.55 -16.73
N ARG A 804 0.30 -3.48 -15.46
CA ARG A 804 -0.20 -2.39 -14.60
C ARG A 804 0.29 -1.03 -15.10
N ALA A 805 1.50 -0.97 -15.67
CA ALA A 805 2.03 0.30 -16.15
C ALA A 805 1.24 0.81 -17.35
N VAL A 806 0.83 -0.09 -18.24
CA VAL A 806 0.15 0.33 -19.47
C VAL A 806 -1.26 0.82 -19.15
N TYR A 807 -1.95 0.18 -18.22
CA TYR A 807 -3.40 0.38 -18.11
C TYR A 807 -3.87 1.18 -16.91
N LEU A 808 -3.25 1.04 -15.74
CA LEU A 808 -3.80 1.71 -14.56
C LEU A 808 -3.73 3.23 -14.61
N PRO A 809 -2.63 3.85 -15.06
CA PRO A 809 -2.62 5.32 -15.12
C PRO A 809 -3.71 5.88 -16.02
N PHE A 810 -3.91 5.26 -17.17
CA PHE A 810 -5.00 5.61 -18.08
C PHE A 810 -6.35 5.59 -17.38
N THR A 811 -6.58 4.62 -16.48
CA THR A 811 -7.88 4.55 -15.84
C THR A 811 -8.14 5.75 -14.93
N ASN A 812 -7.13 6.55 -14.62
CA ASN A 812 -7.36 7.78 -13.87
C ASN A 812 -7.59 8.98 -14.76
N ASN A 813 -7.65 8.78 -16.07
CA ASN A 813 -7.98 9.86 -17.00
C ASN A 813 -9.49 10.09 -16.92
N LEU A 814 -9.88 11.14 -16.20
CA LEU A 814 -11.29 11.35 -15.87
C LEU A 814 -12.14 11.52 -17.12
N ARG A 815 -11.66 12.29 -18.08
CA ARG A 815 -12.46 12.56 -19.27
C ARG A 815 -12.49 11.39 -20.23
N ARG A 816 -11.37 10.65 -20.38
CA ARG A 816 -11.28 9.64 -21.43
C ARG A 816 -11.60 8.23 -20.96
N PHE A 817 -11.14 7.82 -19.77
CA PHE A 817 -11.49 6.48 -19.32
C PHE A 817 -13.00 6.34 -19.15
N HIS A 818 -13.65 7.42 -18.70
CA HIS A 818 -15.08 7.43 -18.48
C HIS A 818 -15.85 7.93 -19.70
N ASP A 819 -15.27 7.81 -20.90
CA ASP A 819 -15.96 8.12 -22.13
C ASP A 819 -17.35 7.49 -22.12
N ILE A 820 -18.36 8.31 -22.44
CA ILE A 820 -19.75 7.90 -22.28
C ILE A 820 -20.13 6.72 -23.18
N SER A 821 -19.30 6.40 -24.18
CA SER A 821 -19.54 5.20 -24.98
C SER A 821 -19.30 3.92 -24.20
N GLY A 822 -18.62 4.02 -23.07
CA GLY A 822 -18.19 2.84 -22.33
C GLY A 822 -16.95 2.16 -22.88
N LYS A 823 -16.29 2.76 -23.88
CA LYS A 823 -15.16 2.09 -24.53
C LYS A 823 -13.98 1.87 -23.57
N GLY A 824 -13.82 2.74 -22.57
CA GLY A 824 -12.75 2.53 -21.60
C GLY A 824 -13.05 1.39 -20.64
N TYR A 825 -14.32 1.29 -20.21
CA TYR A 825 -14.73 0.17 -19.38
C TYR A 825 -14.57 -1.14 -20.13
N LYS A 826 -14.92 -1.13 -21.42
CA LYS A 826 -14.79 -2.34 -22.24
C LYS A 826 -13.34 -2.74 -22.37
N LEU A 827 -12.45 -1.75 -22.52
CA LEU A 827 -11.05 -2.04 -22.71
C LEU A 827 -10.44 -2.66 -21.45
N ILE A 828 -10.71 -2.08 -20.28
CA ILE A 828 -10.10 -2.62 -19.07
C ILE A 828 -10.70 -3.98 -18.73
N ALA A 829 -11.98 -4.20 -19.02
CA ALA A 829 -12.58 -5.51 -18.75
C ALA A 829 -11.94 -6.58 -19.63
N GLU A 830 -11.61 -6.25 -20.88
CA GLU A 830 -10.89 -7.21 -21.72
C GLU A 830 -9.52 -7.53 -21.15
N VAL A 831 -8.82 -6.52 -20.64
CA VAL A 831 -7.51 -6.77 -20.02
C VAL A 831 -7.66 -7.63 -18.76
N ILE A 832 -8.67 -7.33 -17.93
CA ILE A 832 -8.89 -8.13 -16.74
C ILE A 832 -9.13 -9.59 -17.09
N THR A 833 -10.05 -9.83 -18.03
CA THR A 833 -10.36 -11.21 -18.40
C THR A 833 -9.16 -11.91 -19.00
N LYS A 834 -8.37 -11.19 -19.83
CA LYS A 834 -7.17 -11.79 -20.40
C LYS A 834 -6.16 -12.14 -19.32
N THR A 835 -5.91 -11.21 -18.39
CA THR A 835 -4.96 -11.43 -17.30
C THR A 835 -5.41 -12.53 -16.37
N ASP A 836 -6.73 -12.69 -16.17
CA ASP A 836 -7.25 -13.67 -15.23
C ASP A 836 -6.90 -15.10 -15.64
N LYS A 837 -6.63 -15.32 -16.94
CA LYS A 837 -6.27 -16.66 -17.40
C LYS A 837 -4.98 -17.15 -16.75
N PHE A 838 -4.07 -16.24 -16.42
CA PHE A 838 -2.77 -16.65 -15.89
C PHE A 838 -2.41 -16.05 -14.54
N ASN A 839 -3.05 -14.96 -14.12
CA ASN A 839 -2.72 -14.35 -12.82
C ASN A 839 -3.98 -13.73 -12.22
N PRO A 840 -4.78 -14.53 -11.51
CA PRO A 840 -6.02 -13.99 -10.91
C PRO A 840 -5.80 -12.86 -9.92
N MET A 841 -4.73 -12.90 -9.13
CA MET A 841 -4.51 -11.84 -8.16
C MET A 841 -4.33 -10.50 -8.86
N VAL A 842 -3.54 -10.48 -9.95
CA VAL A 842 -3.33 -9.22 -10.66
C VAL A 842 -4.58 -8.83 -11.45
N ALA A 843 -5.32 -9.80 -11.98
CA ALA A 843 -6.59 -9.49 -12.62
C ALA A 843 -7.52 -8.74 -11.68
N THR A 844 -7.55 -9.12 -10.39
CA THR A 844 -8.40 -8.41 -9.45
CA THR A 844 -8.40 -8.40 -9.46
C THR A 844 -7.86 -7.01 -9.16
N GLN A 845 -6.53 -6.86 -9.12
CA GLN A 845 -5.96 -5.52 -9.00
C GLN A 845 -6.42 -4.62 -10.12
N LEU A 846 -6.52 -5.17 -11.34
CA LEU A 846 -6.91 -4.37 -12.50
C LEU A 846 -8.38 -3.99 -12.47
N CYS A 847 -9.17 -4.56 -11.56
CA CYS A 847 -10.56 -4.15 -11.35
C CYS A 847 -10.70 -2.83 -10.62
N GLU A 848 -9.59 -2.25 -10.15
CA GLU A 848 -9.67 -1.07 -9.27
C GLU A 848 -10.59 0.03 -9.79
N PRO A 849 -10.58 0.42 -11.07
CA PRO A 849 -11.45 1.53 -11.51
C PRO A 849 -12.92 1.24 -11.32
N PHE A 850 -13.33 -0.03 -11.27
CA PHE A 850 -14.73 -0.36 -11.08
C PHE A 850 -15.20 -0.19 -9.64
N LYS A 851 -14.28 0.07 -8.70
CA LYS A 851 -14.68 0.08 -7.30
C LYS A 851 -15.71 1.17 -7.01
N LEU A 852 -15.73 2.24 -7.80
CA LEU A 852 -16.65 3.36 -7.58
C LEU A 852 -17.88 3.29 -8.48
N TRP A 853 -18.17 2.12 -9.07
CA TRP A 853 -19.19 2.07 -10.13
C TRP A 853 -20.52 2.64 -9.70
N ASN A 854 -20.94 2.38 -8.46
CA ASN A 854 -22.27 2.78 -8.04
C ASN A 854 -22.30 4.21 -7.52
N LYS A 855 -21.19 4.94 -7.62
CA LYS A 855 -21.15 6.36 -7.28
C LYS A 855 -21.26 7.26 -8.49
N LEU A 856 -21.26 6.71 -9.71
CA LEU A 856 -21.27 7.53 -10.91
C LEU A 856 -22.70 7.84 -11.33
N ASP A 857 -22.84 8.68 -12.37
CA ASP A 857 -24.14 8.95 -12.95
C ASP A 857 -24.76 7.66 -13.47
N THR A 858 -26.09 7.67 -13.62
CA THR A 858 -26.81 6.42 -13.87
C THR A 858 -26.41 5.78 -15.19
N LYS A 859 -26.05 6.57 -16.21
CA LYS A 859 -25.59 5.98 -17.46
C LYS A 859 -24.28 5.24 -17.26
N ARG A 860 -23.32 5.86 -16.56
CA ARG A 860 -22.03 5.20 -16.37
C ARG A 860 -22.14 4.03 -15.40
N GLN A 861 -23.02 4.12 -14.39
CA GLN A 861 -23.28 2.95 -13.55
C GLN A 861 -23.69 1.76 -14.42
N GLU A 862 -24.64 1.98 -15.32
CA GLU A 862 -25.13 0.91 -16.19
C GLU A 862 -24.01 0.35 -17.06
N LEU A 863 -23.17 1.23 -17.62
CA LEU A 863 -22.08 0.78 -18.49
C LEU A 863 -21.07 -0.06 -17.71
N MET A 864 -20.69 0.39 -16.52
CA MET A 864 -19.74 -0.39 -15.73
C MET A 864 -20.35 -1.72 -15.29
N LEU A 865 -21.60 -1.71 -14.85
CA LEU A 865 -22.24 -2.93 -14.41
C LEU A 865 -22.31 -3.94 -15.54
N ASN A 866 -22.58 -3.47 -16.76
CA ASN A 866 -22.63 -4.38 -17.90
CA ASN A 866 -22.63 -4.38 -17.90
C ASN A 866 -21.29 -5.07 -18.11
N GLU A 867 -20.19 -4.33 -18.00
CA GLU A 867 -18.88 -4.95 -18.18
C GLU A 867 -18.56 -5.91 -17.06
N MET A 868 -18.97 -5.59 -15.82
CA MET A 868 -18.69 -6.51 -14.71
C MET A 868 -19.51 -7.78 -14.85
N ASN A 869 -20.77 -7.65 -15.28
CA ASN A 869 -21.58 -8.84 -15.51
C ASN A 869 -21.00 -9.66 -16.66
N THR A 870 -20.48 -9.00 -17.69
CA THR A 870 -19.80 -9.72 -18.77
C THR A 870 -18.60 -10.51 -18.25
N MET A 871 -17.78 -9.90 -17.39
CA MET A 871 -16.64 -10.61 -16.82
C MET A 871 -17.10 -11.78 -15.96
N LEU A 872 -18.19 -11.58 -15.20
CA LEU A 872 -18.71 -12.65 -14.34
C LEU A 872 -19.25 -13.82 -15.13
N GLN A 873 -19.64 -13.62 -16.38
CA GLN A 873 -20.18 -14.68 -17.22
C GLN A 873 -19.09 -15.48 -17.93
N GLU A 874 -17.83 -15.09 -17.80
CA GLU A 874 -16.74 -15.85 -18.44
C GLU A 874 -16.66 -17.24 -17.83
N PRO A 875 -16.80 -18.31 -18.63
CA PRO A 875 -16.81 -19.66 -18.05
C PRO A 875 -15.55 -20.01 -17.26
N GLN A 876 -14.41 -19.45 -17.65
CA GLN A 876 -13.13 -19.80 -17.02
C GLN A 876 -12.72 -18.84 -15.91
N ILE A 877 -13.65 -18.00 -15.43
CA ILE A 877 -13.30 -17.01 -14.41
C ILE A 877 -12.68 -17.68 -13.18
N SER A 878 -11.64 -17.04 -12.65
CA SER A 878 -10.96 -17.54 -11.48
C SER A 878 -11.82 -17.40 -10.23
N ASN A 879 -11.46 -18.16 -9.20
CA ASN A 879 -12.08 -17.99 -7.89
C ASN A 879 -11.91 -16.55 -7.38
N ASN A 880 -10.69 -16.01 -7.49
CA ASN A 880 -10.40 -14.65 -7.05
C ASN A 880 -11.33 -13.63 -7.68
N LEU A 881 -11.35 -13.62 -9.02
CA LEU A 881 -12.08 -12.58 -9.73
C LEU A 881 -13.58 -12.72 -9.52
N LYS A 882 -14.08 -13.96 -9.49
CA LYS A 882 -15.52 -14.18 -9.30
C LYS A 882 -15.96 -13.66 -7.94
N GLU A 883 -15.22 -14.04 -6.90
CA GLU A 883 -15.55 -13.63 -5.54
C GLU A 883 -15.56 -12.10 -5.44
N TYR A 884 -14.54 -11.46 -6.02
CA TYR A 884 -14.41 -10.02 -5.94
C TYR A 884 -15.56 -9.32 -6.64
N LEU A 885 -15.86 -9.72 -7.89
CA LEU A 885 -16.92 -9.04 -8.63
C LEU A 885 -18.30 -9.32 -8.06
N LEU A 886 -18.51 -10.51 -7.49
CA LEU A 886 -19.79 -10.76 -6.83
C LEU A 886 -19.98 -9.83 -5.65
N ARG A 887 -18.94 -9.64 -4.83
CA ARG A 887 -19.04 -8.70 -3.72
C ARG A 887 -19.22 -7.27 -4.22
N LEU A 888 -18.48 -6.89 -5.26
CA LEU A 888 -18.52 -5.50 -5.73
C LEU A 888 -19.87 -5.14 -6.35
N THR A 889 -20.53 -6.09 -7.00
CA THR A 889 -21.83 -5.84 -7.63
C THR A 889 -23.00 -6.21 -6.76
N ASN A 890 -22.75 -6.52 -5.48
CA ASN A 890 -23.82 -6.79 -4.51
C ASN A 890 -24.66 -7.99 -4.92
N LYS A 891 -24.01 -9.04 -5.40
CA LYS A 891 -24.71 -10.27 -5.73
C LYS A 891 -24.61 -11.26 -4.57
N12 X0I B . 1.47 -4.08 -0.85
C13 X0I B . 0.26 -3.92 0.01
C15 X0I B . -2.11 -4.10 0.09
C17 X0I B . -0.44 -2.43 -0.32
C24 X0I B . 2.65 -10.55 -0.12
C26 X0I B . 0.65 -13.28 -2.99
C28 X0I B . -0.49 -13.87 -2.52
C02 X0I B . -1.11 -13.40 -1.34
C03 X0I B . -0.60 -12.35 -0.61
C04 X0I B . 0.61 -11.76 -1.10
C05 X0I B . 1.26 -10.57 -0.45
C06 X0I B . 0.46 -9.45 -0.31
C07 X0I B . 1.03 -8.27 0.22
C08 X0I B . 2.39 -8.25 0.59
C09 X0I B . 2.98 -6.92 1.14
C11 X0I B . 2.44 -5.12 -0.47
C14 X0I B . -0.71 -4.85 -0.27
C16 X0I B . -1.76 -2.54 0.05
C19 X0I B . 3.44 -6.88 2.55
C23 X0I B . 3.20 -9.38 0.43
C25 X0I B . 1.21 -12.20 -2.27
F01 X0I B . -2.23 -14.01 -0.91
F27 X0I B . 1.23 -13.73 -4.15
F29 X0I B . -1.06 -14.94 -3.23
N10 X0I B . 2.11 -5.85 0.72
N20 X0I B . 4.80 -7.14 2.73
O18 X0I B . 3.44 -5.32 -1.08
O21 X0I B . 5.28 -7.10 4.02
O22 X0I B . 2.69 -6.65 3.45
S DMS C . 4.69 -1.99 1.80
O DMS C . 4.51 -0.98 0.69
C1 DMS C . 5.31 -3.50 0.97
C2 DMS C . 3.05 -2.62 2.23
C1 GOL D . 2.20 -3.14 -7.58
O1 GOL D . 1.31 -2.36 -6.83
C2 GOL D . 3.54 -2.39 -7.62
O2 GOL D . 4.22 -2.67 -8.77
C3 GOL D . 4.28 -2.86 -6.35
O3 GOL D . 5.49 -2.14 -6.30
C1 GOL E . 20.64 14.07 -5.45
O1 GOL E . 21.45 13.83 -6.59
C2 GOL E . 19.15 13.87 -5.90
O2 GOL E . 18.80 14.73 -6.89
C3 GOL E . 18.25 14.03 -4.63
O3 GOL E . 18.10 12.76 -4.06
C1 GOL F . -3.20 -18.03 -8.45
O1 GOL F . -2.45 -17.84 -7.28
C2 GOL F . -4.50 -18.71 -8.08
O2 GOL F . -5.46 -17.79 -7.64
C3 GOL F . -4.96 -19.50 -9.35
O3 GOL F . -3.95 -19.48 -10.31
C1 GOL G . -7.57 -5.06 -3.23
O1 GOL G . -6.25 -4.97 -2.81
C2 GOL G . -7.90 -6.57 -3.28
O2 GOL G . -9.11 -6.85 -2.66
C3 GOL G . -7.98 -6.91 -4.78
O3 GOL G . -7.17 -5.99 -5.45
ZN ZN H . 3.72 -6.30 5.19
MG MG I . 3.90 2.57 2.50
MG MG J . 10.57 -8.02 -19.02
MG MG K . 22.93 3.42 15.85
MG MG L . 1.09 -28.80 -10.74
#